data_5UIS
#
_entry.id   5UIS
#
_cell.length_a   143.141
_cell.length_b   141.129
_cell.length_c   87.435
_cell.angle_alpha   90.00
_cell.angle_beta   124.72
_cell.angle_gamma   90.00
#
_symmetry.space_group_name_H-M   'C 1 2 1'
#
loop_
_entity.id
_entity.type
_entity.pdbx_description
1 polymer 'Interleukin-1 receptor-associated kinase 4'
2 non-polymer 4-{[(3R)-piperidin-3-yl]oxy}-6-[(propan-2-yl)oxy]quinoline-7-carboxamide
3 water water
#
_entity_poly.entity_id   1
_entity_poly.type   'polypeptide(L)'
_entity_poly.pdbx_seq_one_letter_code
;MHHHHHHGGENLYFQGENKSLEVSDTRFHSFSFYELKNVTNNFDERPISVGGNKMGEGGFGVVYKGYVNNTTVAVKKLAA
MVDITTEELKQQFDQEIKVMAKCQHENLVELLGFSSDGDDLCLVYVYMPNGSLLDRLSCLDGTPPLSWHMRCKIAQGAAN
GINFLHENHHIHRDIKSANILLDEAFTAKISDFGLARASEKFAQ(TPO)VM(TPO)SRIVGTTAYMAPEALRGEITPKSD
IYSFGVVLLEIITGLPAVDEHREPQLLLDIKEEIEDEEKTIEDYIDKKMNDADSTSVEAMYSVASQCLHEKKNKRPDIKK
VQQLLQEMTAS
;
_entity_poly.pdbx_strand_id   A,B,C,D
#
loop_
_chem_comp.id
_chem_comp.type
_chem_comp.name
_chem_comp.formula
8C1 non-polymer 4-{[(3R)-piperidin-3-yl]oxy}-6-[(propan-2-yl)oxy]quinoline-7-carboxamide 'C18 H23 N3 O3'
#
# COMPACT_ATOMS: atom_id res chain seq x y z
N PHE A 28 19.64 5.16 22.30
CA PHE A 28 18.65 4.20 22.81
C PHE A 28 18.06 4.57 24.16
N HIS A 29 16.73 4.53 24.28
CA HIS A 29 16.05 4.84 25.53
C HIS A 29 15.98 3.60 26.43
N SER A 30 16.25 3.80 27.73
CA SER A 30 16.15 2.72 28.70
C SER A 30 14.78 2.81 29.33
N PHE A 31 13.96 1.79 29.09
CA PHE A 31 12.61 1.70 29.62
C PHE A 31 12.63 0.81 30.85
N SER A 32 11.76 1.10 31.82
CA SER A 32 11.57 0.24 32.98
C SER A 32 10.57 -0.82 32.50
N PHE A 33 10.67 -2.06 33.02
CA PHE A 33 9.79 -3.17 32.63
C PHE A 33 8.29 -2.82 32.78
N TYR A 34 7.93 -2.06 33.84
CA TYR A 34 6.55 -1.65 34.13
C TYR A 34 5.94 -0.82 32.99
N GLU A 35 6.75 0.03 32.34
CA GLU A 35 6.32 0.89 31.24
C GLU A 35 5.89 0.01 30.08
N LEU A 36 6.74 -0.96 29.72
CA LEU A 36 6.48 -1.90 28.66
C LEU A 36 5.33 -2.87 28.99
N LYS A 37 5.14 -3.21 30.29
CA LYS A 37 4.03 -4.01 30.79
C LYS A 37 2.70 -3.31 30.43
N ASN A 38 2.54 -2.04 30.86
CA ASN A 38 1.37 -1.19 30.65
C ASN A 38 1.00 -0.87 29.20
N VAL A 39 1.98 -0.68 28.31
CA VAL A 39 1.75 -0.29 26.92
C VAL A 39 1.37 -1.47 26.02
N THR A 40 1.65 -2.70 26.49
CA THR A 40 1.38 -3.95 25.77
C THR A 40 0.18 -4.70 26.36
N ASN A 41 -0.61 -4.06 27.26
CA ASN A 41 -1.77 -4.63 27.96
C ASN A 41 -1.32 -5.86 28.82
N ASN A 42 -0.23 -5.63 29.59
CA ASN A 42 0.54 -6.58 30.41
C ASN A 42 0.95 -7.80 29.57
N PHE A 43 1.64 -7.51 28.44
CA PHE A 43 2.15 -8.45 27.45
C PHE A 43 1.12 -9.50 27.09
N ASP A 44 -0.06 -9.04 26.66
CA ASP A 44 -1.20 -9.87 26.27
C ASP A 44 -0.76 -10.76 25.09
N GLU A 45 -0.39 -12.01 25.40
CA GLU A 45 0.18 -13.00 24.47
C GLU A 45 -0.77 -13.50 23.38
N ARG A 46 -2.06 -13.16 23.49
CA ARG A 46 -3.08 -13.53 22.51
C ARG A 46 -2.78 -12.84 21.17
N PRO A 47 -2.99 -13.48 19.99
CA PRO A 47 -2.76 -12.76 18.72
C PRO A 47 -3.65 -11.51 18.57
N ILE A 48 -3.17 -10.49 17.86
CA ILE A 48 -3.86 -9.21 17.61
C ILE A 48 -5.31 -9.43 17.14
N SER A 49 -5.52 -10.42 16.23
CA SER A 49 -6.82 -10.80 15.65
C SER A 49 -7.84 -11.27 16.69
N VAL A 50 -7.35 -11.87 17.81
CA VAL A 50 -8.14 -12.38 18.92
C VAL A 50 -8.42 -11.26 19.98
N GLY A 51 -7.75 -10.12 19.83
CA GLY A 51 -7.90 -8.98 20.74
C GLY A 51 -6.71 -8.77 21.67
N GLY A 52 -5.65 -9.52 21.41
CA GLY A 52 -4.41 -9.44 22.18
C GLY A 52 -3.39 -8.49 21.57
N ASN A 53 -2.13 -8.63 21.98
CA ASN A 53 -1.05 -7.76 21.50
C ASN A 53 0.06 -8.47 20.71
N LYS A 54 0.05 -9.82 20.68
CA LYS A 54 1.05 -10.63 19.94
C LYS A 54 1.01 -10.41 18.43
N MET A 55 2.17 -10.05 17.86
CA MET A 55 2.45 -9.81 16.44
C MET A 55 3.13 -11.03 15.80
N GLY A 56 3.91 -11.77 16.59
CA GLY A 56 4.64 -12.96 16.16
C GLY A 56 5.58 -13.51 17.21
N GLU A 57 6.29 -14.61 16.88
CA GLU A 57 7.27 -15.29 17.76
C GLU A 57 8.43 -15.88 16.95
N GLY A 58 9.61 -15.93 17.58
CA GLY A 58 10.85 -16.46 17.01
C GLY A 58 11.55 -17.47 17.90
N GLY A 61 12.10 -15.09 21.42
CA GLY A 61 11.03 -14.41 22.14
C GLY A 61 9.75 -14.12 21.38
N VAL A 62 8.83 -13.35 22.02
CA VAL A 62 7.50 -12.95 21.48
C VAL A 62 7.51 -11.44 21.16
N VAL A 63 6.91 -11.07 20.02
CA VAL A 63 6.81 -9.67 19.53
C VAL A 63 5.40 -9.13 19.83
N TYR A 64 5.32 -8.03 20.59
CA TYR A 64 4.07 -7.40 21.03
C TYR A 64 3.91 -5.98 20.50
N LYS A 65 2.67 -5.59 20.18
CA LYS A 65 2.35 -4.22 19.76
C LYS A 65 2.16 -3.39 21.03
N GLY A 66 2.81 -2.24 21.07
CA GLY A 66 2.72 -1.31 22.17
C GLY A 66 2.41 0.09 21.67
N TYR A 67 1.92 0.94 22.57
CA TYR A 67 1.63 2.33 22.28
C TYR A 67 2.30 3.17 23.34
N VAL A 68 3.38 3.87 22.95
CA VAL A 68 4.16 4.69 23.87
C VAL A 68 3.97 6.12 23.43
N ASN A 69 3.11 6.81 24.20
CA ASN A 69 2.70 8.19 23.95
C ASN A 69 1.96 8.25 22.59
N ASN A 70 2.49 8.99 21.61
CA ASN A 70 1.82 9.12 20.31
C ASN A 70 2.38 8.13 19.28
N THR A 71 3.23 7.19 19.73
CA THR A 71 3.94 6.23 18.90
C THR A 71 3.51 4.75 19.08
N THR A 72 3.24 4.03 17.96
CA THR A 72 3.00 2.60 17.94
C THR A 72 4.41 1.96 17.83
N VAL A 73 4.72 0.97 18.69
CA VAL A 73 6.05 0.36 18.72
C VAL A 73 5.95 -1.17 18.67
N ALA A 74 7.09 -1.81 18.50
CA ALA A 74 7.17 -3.27 18.54
C ALA A 74 8.04 -3.60 19.75
N VAL A 75 7.53 -4.44 20.66
CA VAL A 75 8.27 -4.83 21.86
C VAL A 75 8.54 -6.32 21.82
N LYS A 76 9.82 -6.69 21.71
CA LYS A 76 10.21 -8.10 21.75
C LYS A 76 10.63 -8.46 23.18
N LYS A 77 9.86 -9.35 23.83
CA LYS A 77 10.13 -9.85 25.17
C LYS A 77 10.81 -11.22 24.98
N LEU A 78 12.07 -11.34 25.40
CA LEU A 78 12.84 -12.58 25.26
C LEU A 78 12.53 -13.58 26.38
N LYS A 90 20.43 -13.77 27.00
CA LYS A 90 21.07 -12.52 27.42
C LYS A 90 22.21 -12.14 26.45
N GLN A 91 23.01 -13.12 26.01
CA GLN A 91 24.10 -12.93 25.05
C GLN A 91 23.53 -12.43 23.71
N GLN A 92 22.36 -12.98 23.30
CA GLN A 92 21.64 -12.57 22.08
C GLN A 92 21.07 -11.13 22.21
N PHE A 93 20.65 -10.74 23.45
CA PHE A 93 20.11 -9.42 23.82
C PHE A 93 21.19 -8.35 23.72
N ASP A 94 22.38 -8.64 24.29
CA ASP A 94 23.57 -7.79 24.28
C ASP A 94 24.12 -7.61 22.88
N GLN A 95 24.01 -8.66 22.05
CA GLN A 95 24.45 -8.69 20.66
C GLN A 95 23.52 -7.88 19.78
N GLU A 96 22.21 -7.96 20.05
CA GLU A 96 21.19 -7.20 19.31
C GLU A 96 21.42 -5.70 19.49
N ILE A 97 21.76 -5.25 20.73
CA ILE A 97 22.04 -3.87 21.09
C ILE A 97 23.37 -3.42 20.48
N LYS A 98 24.39 -4.29 20.55
CA LYS A 98 25.76 -4.09 20.02
C LYS A 98 25.72 -3.83 18.50
N VAL A 99 25.01 -4.69 17.75
CA VAL A 99 24.83 -4.59 16.31
C VAL A 99 24.03 -3.33 15.94
N MET A 100 22.92 -3.05 16.65
CA MET A 100 22.06 -1.90 16.38
C MET A 100 22.72 -0.56 16.65
N ALA A 101 23.64 -0.51 17.64
CA ALA A 101 24.35 0.71 17.98
C ALA A 101 25.32 1.09 16.87
N LYS A 102 25.89 0.08 16.19
CA LYS A 102 26.86 0.25 15.10
C LYS A 102 26.21 0.35 13.72
N CYS A 103 25.09 -0.35 13.51
CA CYS A 103 24.43 -0.46 12.21
C CYS A 103 23.11 0.28 12.12
N GLN A 104 23.15 1.44 11.45
CA GLN A 104 22.00 2.29 11.19
C GLN A 104 21.94 2.50 9.67
N HIS A 105 20.85 1.98 9.05
CA HIS A 105 20.64 2.01 7.61
C HIS A 105 19.15 1.96 7.36
N GLU A 106 18.66 2.58 6.27
CA GLU A 106 17.23 2.56 5.94
C GLU A 106 16.69 1.15 5.69
N ASN A 107 17.55 0.18 5.32
CA ASN A 107 17.09 -1.19 5.07
C ASN A 107 17.37 -2.13 6.23
N LEU A 108 17.56 -1.57 7.45
CA LEU A 108 17.70 -2.32 8.70
C LEU A 108 16.69 -1.74 9.68
N VAL A 109 16.03 -2.59 10.50
CA VAL A 109 15.07 -2.09 11.52
C VAL A 109 15.79 -1.24 12.54
N GLU A 110 15.12 -0.21 13.05
CA GLU A 110 15.71 0.65 14.05
C GLU A 110 15.27 0.30 15.47
N LEU A 111 16.25 0.17 16.36
CA LEU A 111 16.03 -0.07 17.78
C LEU A 111 15.84 1.29 18.44
N LEU A 112 14.74 1.45 19.17
CA LEU A 112 14.39 2.70 19.85
C LEU A 112 14.86 2.67 21.29
N GLY A 113 14.81 1.49 21.88
CA GLY A 113 15.16 1.29 23.27
C GLY A 113 15.10 -0.14 23.72
N PHE A 114 15.30 -0.32 25.02
CA PHE A 114 15.38 -1.64 25.64
C PHE A 114 14.91 -1.58 27.11
N SER A 115 14.83 -2.76 27.74
CA SER A 115 14.48 -2.96 29.15
C SER A 115 15.21 -4.21 29.66
N SER A 116 15.95 -4.07 30.77
CA SER A 116 16.68 -5.15 31.41
C SER A 116 16.52 -5.01 32.91
N ASP A 117 15.30 -5.26 33.39
CA ASP A 117 14.94 -5.22 34.81
C ASP A 117 15.02 -6.66 35.31
N GLY A 118 16.27 -7.13 35.41
CA GLY A 118 16.65 -8.46 35.86
C GLY A 118 16.26 -9.61 34.96
N ASP A 119 15.20 -10.33 35.38
CA ASP A 119 14.65 -11.53 34.75
C ASP A 119 14.13 -11.31 33.34
N ASP A 120 13.37 -10.22 33.14
CA ASP A 120 12.77 -9.95 31.84
C ASP A 120 13.58 -9.00 30.96
N LEU A 121 13.83 -9.40 29.72
CA LEU A 121 14.60 -8.64 28.74
C LEU A 121 13.73 -8.22 27.56
N CYS A 122 13.61 -6.91 27.33
CA CYS A 122 12.79 -6.35 26.25
C CYS A 122 13.58 -5.49 25.28
N LEU A 123 13.24 -5.56 23.99
CA LEU A 123 13.82 -4.74 22.93
C LEU A 123 12.68 -4.01 22.21
N VAL A 124 12.78 -2.68 22.11
CA VAL A 124 11.76 -1.81 21.52
C VAL A 124 12.23 -1.29 20.17
N TYR A 125 11.38 -1.43 19.14
CA TYR A 125 11.69 -1.05 17.76
C TYR A 125 10.64 -0.17 17.14
N VAL A 126 11.03 0.48 16.02
CA VAL A 126 10.12 1.29 15.20
C VAL A 126 9.08 0.27 14.63
N TYR A 127 7.79 0.58 14.74
CA TYR A 127 6.71 -0.27 14.24
C TYR A 127 6.70 -0.39 12.70
N MET A 128 6.58 -1.64 12.21
CA MET A 128 6.53 -2.01 10.80
C MET A 128 5.08 -2.41 10.50
N PRO A 129 4.28 -1.48 9.94
CA PRO A 129 2.86 -1.76 9.71
C PRO A 129 2.53 -2.90 8.76
N ASN A 130 3.43 -3.20 7.81
CA ASN A 130 3.18 -4.24 6.84
C ASN A 130 3.83 -5.57 7.18
N GLY A 131 4.26 -5.72 8.43
CA GLY A 131 4.82 -6.94 9.02
C GLY A 131 5.96 -7.54 8.25
N SER A 132 5.99 -8.87 8.13
CA SER A 132 7.06 -9.55 7.44
C SER A 132 6.75 -9.88 5.99
N LEU A 133 7.82 -10.06 5.18
CA LEU A 133 7.74 -10.45 3.77
C LEU A 133 7.06 -11.82 3.63
N LEU A 134 7.28 -12.74 4.61
CA LEU A 134 6.68 -14.07 4.64
C LEU A 134 5.15 -13.95 4.65
N ASP A 135 4.62 -13.11 5.55
CA ASP A 135 3.20 -12.91 5.72
C ASP A 135 2.57 -12.21 4.54
N ARG A 136 3.31 -11.31 3.88
CA ARG A 136 2.80 -10.60 2.71
C ARG A 136 2.78 -11.47 1.49
N LEU A 137 3.74 -12.42 1.41
CA LEU A 137 3.80 -13.40 0.33
C LEU A 137 2.66 -14.43 0.47
N SER A 138 2.28 -14.76 1.70
CA SER A 138 1.18 -15.69 1.94
C SER A 138 -0.18 -14.98 2.01
N CYS A 139 -0.19 -13.62 1.99
CA CYS A 139 -1.36 -12.73 2.08
C CYS A 139 -2.14 -13.00 3.36
N LEU A 140 -1.38 -13.19 4.46
CA LEU A 140 -1.90 -13.46 5.80
C LEU A 140 -2.79 -12.31 6.25
N ASP A 141 -3.97 -12.66 6.77
CA ASP A 141 -5.03 -11.76 7.27
C ASP A 141 -5.75 -11.00 6.14
N GLY A 142 -5.60 -11.52 4.91
CA GLY A 142 -6.28 -11.01 3.73
C GLY A 142 -5.68 -9.77 3.10
N THR A 143 -4.37 -9.55 3.30
CA THR A 143 -3.67 -8.40 2.70
C THR A 143 -3.57 -8.64 1.18
N PRO A 144 -3.63 -7.62 0.30
CA PRO A 144 -3.58 -7.92 -1.15
C PRO A 144 -2.22 -8.45 -1.60
N PRO A 145 -2.17 -9.31 -2.65
CA PRO A 145 -0.87 -9.82 -3.10
C PRO A 145 0.05 -8.67 -3.52
N LEU A 146 1.36 -8.81 -3.26
CA LEU A 146 2.38 -7.84 -3.65
C LEU A 146 2.59 -7.94 -5.16
N SER A 147 2.64 -6.78 -5.84
CA SER A 147 2.88 -6.74 -7.28
C SER A 147 4.33 -7.09 -7.53
N TRP A 148 4.67 -7.46 -8.77
CA TRP A 148 6.04 -7.75 -9.18
C TRP A 148 6.94 -6.52 -8.97
N HIS A 149 6.41 -5.32 -9.30
CA HIS A 149 7.06 -4.02 -9.16
C HIS A 149 7.50 -3.83 -7.71
N MET A 150 6.59 -4.08 -6.75
CA MET A 150 6.84 -3.98 -5.33
C MET A 150 7.86 -5.02 -4.87
N ARG A 151 7.74 -6.25 -5.39
CA ARG A 151 8.64 -7.38 -5.09
C ARG A 151 10.09 -7.09 -5.46
N CYS A 152 10.30 -6.38 -6.58
CA CYS A 152 11.61 -5.96 -7.07
C CYS A 152 12.23 -4.92 -6.14
N LYS A 153 11.44 -3.96 -5.64
CA LYS A 153 11.88 -2.92 -4.68
C LYS A 153 12.29 -3.59 -3.36
N ILE A 154 11.50 -4.57 -2.90
CA ILE A 154 11.75 -5.32 -1.67
C ILE A 154 13.08 -6.11 -1.77
N ALA A 155 13.30 -6.84 -2.88
CA ALA A 155 14.52 -7.60 -3.15
C ALA A 155 15.75 -6.69 -3.18
N GLN A 156 15.65 -5.54 -3.88
CA GLN A 156 16.70 -4.52 -3.95
C GLN A 156 17.00 -3.93 -2.57
N GLY A 157 15.96 -3.55 -1.84
CA GLY A 157 16.05 -3.02 -0.49
C GLY A 157 16.70 -3.99 0.47
N ALA A 158 16.25 -5.28 0.47
CA ALA A 158 16.84 -6.34 1.29
C ALA A 158 18.32 -6.56 0.96
N ALA A 159 18.70 -6.52 -0.34
CA ALA A 159 20.09 -6.66 -0.78
C ALA A 159 20.95 -5.51 -0.25
N ASN A 160 20.41 -4.26 -0.24
CA ASN A 160 21.10 -3.06 0.29
C ASN A 160 21.35 -3.18 1.80
N GLY A 161 20.38 -3.77 2.52
CA GLY A 161 20.49 -4.03 3.95
C GLY A 161 21.60 -5.03 4.28
N ILE A 162 21.64 -6.15 3.53
CA ILE A 162 22.70 -7.18 3.69
C ILE A 162 24.08 -6.61 3.32
N ASN A 163 24.13 -5.77 2.26
CA ASN A 163 25.36 -5.12 1.83
C ASN A 163 25.93 -4.23 2.93
N PHE A 164 25.05 -3.46 3.61
CA PHE A 164 25.48 -2.61 4.72
C PHE A 164 26.11 -3.49 5.81
N LEU A 165 25.42 -4.59 6.17
CA LEU A 165 25.88 -5.55 7.18
C LEU A 165 27.25 -6.15 6.86
N HIS A 166 27.44 -6.61 5.61
CA HIS A 166 28.69 -7.21 5.13
C HIS A 166 29.83 -6.18 5.04
N GLU A 167 29.53 -4.94 4.59
CA GLU A 167 30.49 -3.82 4.51
C GLU A 167 31.01 -3.47 5.91
N ASN A 168 30.13 -3.65 6.91
CA ASN A 168 30.38 -3.39 8.31
C ASN A 168 30.85 -4.63 9.06
N HIS A 169 31.26 -5.68 8.30
CA HIS A 169 31.84 -6.95 8.76
C HIS A 169 30.92 -7.72 9.72
N HIS A 170 29.64 -7.86 9.34
CA HIS A 170 28.64 -8.60 10.10
C HIS A 170 28.00 -9.68 9.25
N ILE A 171 27.92 -10.90 9.80
CA ILE A 171 27.25 -12.04 9.18
C ILE A 171 25.94 -12.14 9.97
N HIS A 172 24.80 -12.02 9.27
CA HIS A 172 23.46 -12.07 9.87
C HIS A 172 23.17 -13.45 10.51
N ARG A 173 23.40 -14.55 9.74
CA ARG A 173 23.24 -15.98 10.12
C ARG A 173 21.77 -16.47 10.16
N ASP A 174 20.80 -15.60 9.86
CA ASP A 174 19.39 -16.00 9.82
C ASP A 174 18.56 -15.19 8.79
N ILE A 175 19.10 -15.04 7.56
CA ILE A 175 18.41 -14.37 6.47
C ILE A 175 17.27 -15.27 6.02
N LYS A 176 16.04 -14.75 6.16
CA LYS A 176 14.79 -15.42 5.79
C LYS A 176 13.72 -14.35 5.62
N SER A 177 12.65 -14.65 4.88
CA SER A 177 11.54 -13.73 4.62
C SER A 177 10.75 -13.31 5.89
N ALA A 178 10.80 -14.11 6.99
CA ALA A 178 10.18 -13.76 8.27
C ALA A 178 10.97 -12.64 8.98
N ASN A 179 12.28 -12.52 8.70
CA ASN A 179 13.19 -11.50 9.25
C ASN A 179 13.34 -10.27 8.36
N ILE A 180 12.61 -10.23 7.22
CA ILE A 180 12.60 -9.06 6.34
C ILE A 180 11.27 -8.39 6.61
N LEU A 181 11.31 -7.25 7.29
CA LEU A 181 10.10 -6.51 7.65
C LEU A 181 9.78 -5.42 6.65
N LEU A 182 8.50 -5.03 6.59
CA LEU A 182 8.00 -4.03 5.65
C LEU A 182 7.31 -2.85 6.34
N ASP A 183 7.79 -1.64 6.08
CA ASP A 183 7.20 -0.44 6.68
C ASP A 183 5.97 0.03 5.88
N GLU A 184 5.44 1.20 6.24
CA GLU A 184 4.31 1.87 5.61
C GLU A 184 4.44 2.03 4.06
N ALA A 185 5.67 2.21 3.52
CA ALA A 185 5.92 2.35 2.08
C ALA A 185 6.44 1.05 1.44
N PHE A 186 6.39 -0.06 2.21
CA PHE A 186 6.84 -1.41 1.82
C PHE A 186 8.35 -1.43 1.56
N THR A 187 9.08 -0.61 2.35
CA THR A 187 10.55 -0.54 2.33
C THR A 187 11.01 -1.75 3.15
N ALA A 188 11.90 -2.58 2.56
CA ALA A 188 12.45 -3.78 3.18
C ALA A 188 13.40 -3.38 4.33
N LYS A 189 13.18 -3.94 5.54
CA LYS A 189 13.99 -3.66 6.72
C LYS A 189 14.42 -5.00 7.34
N ILE A 190 15.73 -5.32 7.27
CA ILE A 190 16.27 -6.55 7.86
C ILE A 190 16.24 -6.45 9.39
N SER A 191 15.80 -7.55 10.06
CA SER A 191 15.66 -7.66 11.50
C SER A 191 16.34 -8.93 12.02
N ASP A 192 16.35 -9.12 13.36
CA ASP A 192 16.89 -10.26 14.12
C ASP A 192 18.40 -10.42 13.94
N PHE A 193 19.16 -9.70 14.77
CA PHE A 193 20.62 -9.67 14.76
C PHE A 193 21.20 -10.28 16.05
N GLY A 194 20.36 -11.04 16.77
CA GLY A 194 20.70 -11.71 18.02
C GLY A 194 21.78 -12.77 17.85
N LEU A 195 21.78 -13.47 16.69
CA LEU A 195 22.76 -14.50 16.35
C LEU A 195 23.84 -14.00 15.38
N ALA A 196 23.86 -12.67 15.09
CA ALA A 196 24.83 -12.08 14.16
C ALA A 196 26.29 -12.23 14.64
N ARG A 197 27.24 -12.34 13.70
CA ARG A 197 28.67 -12.52 14.02
C ARG A 197 29.57 -11.50 13.32
N ALA A 198 30.61 -11.03 14.03
CA ALA A 198 31.59 -10.09 13.49
C ALA A 198 32.70 -10.81 12.75
N MET A 207 34.41 -21.83 12.15
CA MET A 207 33.54 -22.92 12.55
C MET A 207 33.04 -22.83 14.01
N TPO A 208 31.78 -23.29 14.26
CA TPO A 208 31.13 -23.27 15.58
CB TPO A 208 29.97 -22.22 15.66
CG2 TPO A 208 28.81 -22.41 14.64
OG1 TPO A 208 29.43 -22.16 17.01
P TPO A 208 30.05 -21.15 18.04
O1P TPO A 208 30.48 -21.94 19.27
O2P TPO A 208 31.25 -20.31 17.54
O3P TPO A 208 28.92 -20.19 18.41
C TPO A 208 30.58 -24.63 16.09
O TPO A 208 30.17 -25.47 15.30
N SER A 209 30.57 -24.78 17.44
CA SER A 209 30.05 -25.95 18.16
C SER A 209 28.51 -25.92 18.20
N ARG A 210 27.93 -24.70 18.26
CA ARG A 210 26.48 -24.47 18.29
C ARG A 210 25.97 -23.98 16.94
N ILE A 211 25.41 -24.91 16.13
CA ILE A 211 24.86 -24.61 14.79
C ILE A 211 23.47 -23.99 14.95
N VAL A 212 23.30 -22.75 14.43
CA VAL A 212 22.03 -21.99 14.51
C VAL A 212 21.57 -21.43 13.15
N GLY A 213 20.25 -21.24 13.03
CA GLY A 213 19.57 -20.71 11.84
C GLY A 213 18.31 -21.47 11.50
N THR A 214 17.70 -21.16 10.34
CA THR A 214 16.49 -21.81 9.84
C THR A 214 16.89 -22.74 8.71
N THR A 215 16.81 -24.05 8.99
CA THR A 215 17.18 -25.21 8.16
C THR A 215 16.85 -25.05 6.67
N ALA A 216 15.59 -24.68 6.35
CA ALA A 216 15.07 -24.50 4.99
C ALA A 216 15.79 -23.41 4.17
N TYR A 217 16.48 -22.48 4.85
CA TYR A 217 17.20 -21.35 4.27
C TYR A 217 18.72 -21.51 4.29
N MET A 218 19.23 -22.36 5.19
CA MET A 218 20.65 -22.58 5.43
C MET A 218 21.42 -23.24 4.31
N ALA A 219 22.66 -22.76 4.11
CA ALA A 219 23.65 -23.26 3.17
C ALA A 219 24.24 -24.56 3.73
N PRO A 220 24.70 -25.50 2.86
CA PRO A 220 25.28 -26.76 3.40
C PRO A 220 26.40 -26.58 4.42
N GLU A 221 27.30 -25.60 4.19
CA GLU A 221 28.41 -25.34 5.12
C GLU A 221 27.94 -24.74 6.44
N ALA A 222 26.82 -24.01 6.42
CA ALA A 222 26.22 -23.41 7.63
C ALA A 222 25.63 -24.53 8.49
N LEU A 223 24.97 -25.52 7.84
CA LEU A 223 24.40 -26.69 8.50
C LEU A 223 25.49 -27.56 9.11
N ARG A 224 26.75 -27.39 8.63
CA ARG A 224 27.94 -28.09 9.08
C ARG A 224 28.75 -27.35 10.15
N GLY A 225 28.40 -26.09 10.40
CA GLY A 225 29.06 -25.30 11.43
C GLY A 225 29.91 -24.13 10.99
N GLU A 226 30.03 -23.89 9.66
CA GLU A 226 30.83 -22.77 9.16
C GLU A 226 30.10 -21.44 9.31
N ILE A 227 30.85 -20.41 9.75
CA ILE A 227 30.35 -19.04 9.91
C ILE A 227 31.03 -18.22 8.81
N THR A 228 30.27 -17.86 7.77
CA THR A 228 30.77 -17.13 6.60
C THR A 228 29.67 -16.22 6.01
N PRO A 229 30.01 -14.98 5.55
CA PRO A 229 28.96 -14.12 4.93
C PRO A 229 28.39 -14.71 3.63
N LYS A 230 29.16 -15.63 2.99
CA LYS A 230 28.78 -16.38 1.79
C LYS A 230 27.55 -17.25 2.08
N SER A 231 27.30 -17.57 3.37
CA SER A 231 26.15 -18.34 3.85
C SER A 231 24.88 -17.49 3.81
N ASP A 232 24.98 -16.17 4.09
CA ASP A 232 23.86 -15.22 4.00
C ASP A 232 23.40 -15.10 2.55
N ILE A 233 24.35 -15.15 1.58
CA ILE A 233 24.07 -15.10 0.15
C ILE A 233 23.13 -16.23 -0.27
N TYR A 234 23.46 -17.47 0.15
CA TYR A 234 22.66 -18.67 -0.11
C TYR A 234 21.21 -18.48 0.35
N SER A 235 21.03 -18.10 1.64
CA SER A 235 19.75 -17.84 2.29
C SER A 235 18.91 -16.79 1.58
N PHE A 236 19.58 -15.74 1.02
CA PHE A 236 18.92 -14.69 0.25
C PHE A 236 18.40 -15.25 -1.07
N GLY A 237 19.11 -16.23 -1.65
CA GLY A 237 18.72 -16.96 -2.85
C GLY A 237 17.40 -17.67 -2.65
N VAL A 238 17.19 -18.25 -1.44
CA VAL A 238 15.94 -18.91 -1.03
C VAL A 238 14.84 -17.83 -0.94
N VAL A 239 15.15 -16.66 -0.33
CA VAL A 239 14.23 -15.53 -0.20
C VAL A 239 13.79 -15.07 -1.61
N LEU A 240 14.75 -14.97 -2.57
CA LEU A 240 14.40 -14.61 -3.95
C LEU A 240 13.48 -15.63 -4.62
N LEU A 241 13.61 -16.92 -4.27
CA LEU A 241 12.72 -17.96 -4.80
C LEU A 241 11.32 -17.78 -4.23
N GLU A 242 11.21 -17.36 -2.95
CA GLU A 242 9.94 -17.07 -2.28
C GLU A 242 9.25 -15.88 -2.95
N ILE A 243 10.04 -14.84 -3.31
CA ILE A 243 9.55 -13.62 -3.98
C ILE A 243 8.98 -13.96 -5.37
N ILE A 244 9.68 -14.80 -6.16
CA ILE A 244 9.26 -15.22 -7.50
C ILE A 244 7.99 -16.10 -7.50
N THR A 245 7.97 -17.10 -6.62
CA THR A 245 6.94 -18.13 -6.54
C THR A 245 5.77 -17.86 -5.59
N GLY A 246 6.02 -17.10 -4.54
CA GLY A 246 5.03 -16.83 -3.50
C GLY A 246 4.86 -18.04 -2.60
N LEU A 247 5.78 -19.04 -2.73
CA LEU A 247 5.77 -20.29 -1.98
C LEU A 247 6.65 -20.22 -0.74
N PRO A 248 6.23 -20.83 0.40
CA PRO A 248 7.11 -20.80 1.60
C PRO A 248 8.32 -21.74 1.41
N ALA A 249 9.49 -21.43 2.04
CA ALA A 249 10.72 -22.22 1.94
C ALA A 249 10.53 -23.69 2.28
N VAL A 250 9.59 -23.97 3.21
CA VAL A 250 9.24 -25.33 3.62
C VAL A 250 7.71 -25.47 3.73
N ASP A 251 7.17 -26.56 3.22
CA ASP A 251 5.76 -26.91 3.30
C ASP A 251 5.71 -28.43 3.40
N GLU A 252 5.31 -28.94 4.58
CA GLU A 252 5.19 -30.37 4.91
C GLU A 252 4.24 -31.14 3.98
N HIS A 253 3.18 -30.47 3.48
CA HIS A 253 2.18 -31.05 2.58
C HIS A 253 2.47 -30.71 1.09
N ARG A 254 3.76 -30.55 0.72
CA ARG A 254 4.18 -30.20 -0.64
C ARG A 254 5.28 -31.11 -1.20
N GLU A 255 5.34 -31.21 -2.54
CA GLU A 255 6.35 -31.97 -3.26
C GLU A 255 6.96 -31.05 -4.35
N PRO A 256 8.21 -30.53 -4.20
CA PRO A 256 9.17 -30.77 -3.10
C PRO A 256 8.85 -29.97 -1.84
N GLN A 257 9.10 -30.57 -0.66
CA GLN A 257 8.87 -29.96 0.66
C GLN A 257 9.69 -28.70 0.81
N LEU A 258 10.95 -28.74 0.33
CA LEU A 258 11.88 -27.61 0.37
C LEU A 258 11.92 -26.88 -0.95
N LEU A 259 11.73 -25.55 -0.91
CA LEU A 259 11.72 -24.66 -2.07
C LEU A 259 13.02 -24.69 -2.86
N LEU A 260 14.19 -24.73 -2.18
CA LEU A 260 15.51 -24.78 -2.83
C LEU A 260 15.66 -25.98 -3.80
N ASP A 261 14.85 -27.05 -3.62
CA ASP A 261 14.85 -28.24 -4.49
C ASP A 261 14.23 -27.96 -5.89
N ILE A 262 13.44 -26.86 -6.05
CA ILE A 262 12.81 -26.52 -7.33
C ILE A 262 13.86 -26.07 -8.36
N LYS A 263 15.04 -25.60 -7.88
CA LYS A 263 16.16 -25.14 -8.71
C LYS A 263 16.69 -26.33 -9.51
N GLU A 264 16.79 -27.52 -8.86
CA GLU A 264 17.25 -28.79 -9.44
C GLU A 264 16.18 -29.32 -10.38
N GLU A 265 14.90 -29.09 -10.00
CA GLU A 265 13.71 -29.47 -10.76
C GLU A 265 13.63 -28.67 -12.07
N ILE A 266 13.95 -27.37 -12.03
CA ILE A 266 13.98 -26.47 -13.19
C ILE A 266 15.15 -26.86 -14.11
N GLU A 267 16.31 -27.22 -13.52
CA GLU A 267 17.52 -27.68 -14.24
C GLU A 267 17.36 -29.09 -14.90
N ASP A 268 16.09 -29.47 -15.26
CA ASP A 268 15.69 -30.72 -15.93
C ASP A 268 14.70 -30.44 -17.07
N THR A 272 10.43 -25.64 -15.87
CA THR A 272 10.82 -24.23 -16.02
C THR A 272 10.30 -23.31 -14.89
N ILE A 273 10.88 -22.10 -14.79
CA ILE A 273 10.55 -21.09 -13.79
C ILE A 273 9.13 -20.50 -14.03
N GLU A 274 8.66 -20.45 -15.30
CA GLU A 274 7.33 -19.97 -15.69
C GLU A 274 6.20 -20.73 -14.97
N ASP A 275 6.38 -22.03 -14.78
CA ASP A 275 5.45 -22.92 -14.07
C ASP A 275 5.42 -22.59 -12.59
N TYR A 276 6.49 -21.98 -12.07
CA TYR A 276 6.61 -21.66 -10.65
C TYR A 276 6.30 -20.20 -10.29
N ILE A 277 6.30 -19.26 -11.27
CA ILE A 277 5.99 -17.84 -11.03
C ILE A 277 4.66 -17.72 -10.28
N ASP A 278 4.63 -16.85 -9.25
CA ASP A 278 3.44 -16.57 -8.46
C ASP A 278 2.34 -16.05 -9.41
N LYS A 279 1.23 -16.77 -9.46
CA LYS A 279 0.07 -16.44 -10.30
C LYS A 279 -0.75 -15.29 -9.71
N LYS A 280 -0.43 -14.89 -8.46
CA LYS A 280 -1.10 -13.76 -7.79
C LYS A 280 -0.46 -12.41 -8.18
N MET A 281 0.00 -12.28 -9.43
CA MET A 281 0.59 -11.05 -9.99
C MET A 281 0.11 -10.91 -11.41
N ASN A 282 -0.06 -9.67 -11.90
CA ASN A 282 -0.42 -9.43 -13.31
C ASN A 282 0.55 -8.45 -14.01
N ASP A 283 1.62 -8.05 -13.31
CA ASP A 283 2.63 -7.10 -13.79
C ASP A 283 4.03 -7.70 -13.94
N ALA A 284 4.14 -9.03 -13.79
CA ALA A 284 5.41 -9.73 -13.91
C ALA A 284 5.73 -10.02 -15.36
N ASP A 285 6.90 -9.58 -15.81
CA ASP A 285 7.36 -9.86 -17.17
C ASP A 285 8.44 -10.91 -17.07
N SER A 286 8.42 -11.88 -18.00
CA SER A 286 9.36 -13.00 -18.06
C SER A 286 10.83 -12.57 -18.00
N THR A 287 11.20 -11.46 -18.67
CA THR A 287 12.56 -10.93 -18.71
C THR A 287 13.09 -10.63 -17.29
N SER A 288 12.39 -9.78 -16.51
CA SER A 288 12.81 -9.46 -15.15
C SER A 288 12.69 -10.67 -14.19
N VAL A 289 11.64 -11.51 -14.33
CA VAL A 289 11.48 -12.72 -13.50
C VAL A 289 12.68 -13.68 -13.71
N GLU A 290 13.03 -13.97 -14.98
CA GLU A 290 14.19 -14.81 -15.35
C GLU A 290 15.50 -14.22 -14.82
N ALA A 291 15.62 -12.87 -14.87
CA ALA A 291 16.79 -12.14 -14.37
C ALA A 291 16.92 -12.28 -12.84
N MET A 292 15.80 -12.22 -12.08
CA MET A 292 15.82 -12.41 -10.62
C MET A 292 16.13 -13.86 -10.29
N TYR A 293 15.60 -14.80 -11.11
CA TYR A 293 15.85 -16.22 -10.97
C TYR A 293 17.33 -16.53 -11.18
N SER A 294 17.98 -15.82 -12.13
CA SER A 294 19.41 -15.96 -12.44
C SER A 294 20.25 -15.57 -11.22
N VAL A 295 19.85 -14.49 -10.51
CA VAL A 295 20.48 -13.99 -9.28
C VAL A 295 20.33 -15.04 -8.17
N ALA A 296 19.10 -15.56 -7.98
CA ALA A 296 18.77 -16.58 -6.98
C ALA A 296 19.55 -17.86 -7.24
N SER A 297 19.62 -18.30 -8.52
CA SER A 297 20.36 -19.49 -8.98
C SER A 297 21.85 -19.39 -8.60
N GLN A 298 22.46 -18.21 -8.86
CA GLN A 298 23.86 -17.90 -8.53
C GLN A 298 24.07 -17.90 -7.00
N CYS A 299 23.11 -17.34 -6.25
CA CYS A 299 23.13 -17.30 -4.79
C CYS A 299 23.12 -18.71 -4.20
N LEU A 300 22.34 -19.61 -4.83
CA LEU A 300 22.11 -20.98 -4.39
C LEU A 300 23.13 -21.99 -4.88
N HIS A 301 24.30 -21.52 -5.35
CA HIS A 301 25.38 -22.41 -5.77
C HIS A 301 25.84 -23.12 -4.51
N GLU A 302 25.81 -24.45 -4.51
CA GLU A 302 26.17 -25.28 -3.34
C GLU A 302 27.65 -25.11 -2.88
N LYS A 303 28.51 -24.53 -3.75
CA LYS A 303 29.91 -24.24 -3.44
C LYS A 303 30.04 -22.75 -3.11
N LYS A 304 30.21 -22.43 -1.81
CA LYS A 304 30.31 -21.08 -1.24
C LYS A 304 31.13 -20.04 -2.05
N ASN A 305 32.28 -20.45 -2.59
CA ASN A 305 33.21 -19.60 -3.35
C ASN A 305 32.73 -19.29 -4.78
N LYS A 306 31.75 -20.06 -5.28
CA LYS A 306 31.18 -19.88 -6.62
C LYS A 306 29.99 -18.92 -6.56
N ARG A 307 29.46 -18.66 -5.36
CA ARG A 307 28.34 -17.73 -5.12
C ARG A 307 28.85 -16.29 -5.27
N PRO A 308 28.02 -15.35 -5.77
CA PRO A 308 28.50 -13.95 -5.86
C PRO A 308 28.46 -13.26 -4.49
N ASP A 309 29.27 -12.20 -4.30
CA ASP A 309 29.22 -11.44 -3.06
C ASP A 309 27.97 -10.53 -3.09
N ILE A 310 27.57 -9.95 -1.95
CA ILE A 310 26.37 -9.10 -1.88
C ILE A 310 26.41 -7.89 -2.85
N LYS A 311 27.63 -7.34 -3.10
CA LYS A 311 27.82 -6.21 -4.02
C LYS A 311 27.39 -6.57 -5.45
N LYS A 312 27.76 -7.80 -5.91
CA LYS A 312 27.37 -8.32 -7.22
C LYS A 312 25.85 -8.54 -7.26
N VAL A 313 25.27 -9.09 -6.16
CA VAL A 313 23.83 -9.34 -5.97
C VAL A 313 23.05 -8.01 -6.14
N GLN A 314 23.54 -6.92 -5.49
CA GLN A 314 23.00 -5.56 -5.58
C GLN A 314 23.02 -5.05 -7.01
N GLN A 315 24.17 -5.23 -7.69
CA GLN A 315 24.42 -4.81 -9.06
C GLN A 315 23.49 -5.51 -10.04
N LEU A 316 23.28 -6.82 -9.83
CA LEU A 316 22.44 -7.63 -10.68
C LEU A 316 20.97 -7.30 -10.51
N LEU A 317 20.54 -7.02 -9.26
CA LEU A 317 19.16 -6.62 -8.96
C LEU A 317 18.86 -5.20 -9.48
N GLN A 318 19.90 -4.33 -9.56
CA GLN A 318 19.83 -2.97 -10.11
C GLN A 318 19.64 -3.05 -11.63
N GLU A 319 20.44 -3.91 -12.31
CA GLU A 319 20.40 -4.13 -13.77
C GLU A 319 19.08 -4.76 -14.25
N MET A 320 18.41 -5.51 -13.37
CA MET A 320 17.14 -6.20 -13.63
C MET A 320 15.98 -5.22 -13.93
N THR A 321 15.87 -4.09 -13.17
CA THR A 321 14.84 -3.06 -13.36
C THR A 321 15.31 -1.85 -14.19
N PHE B 28 -30.74 -6.18 5.52
CA PHE B 28 -29.83 -5.67 6.55
C PHE B 28 -30.24 -6.04 7.97
N HIS B 29 -29.26 -6.13 8.90
CA HIS B 29 -29.49 -6.42 10.30
C HIS B 29 -30.02 -5.16 11.01
N SER B 30 -31.11 -5.32 11.78
CA SER B 30 -31.65 -4.23 12.59
C SER B 30 -31.00 -4.40 13.96
N PHE B 31 -30.15 -3.45 14.33
CA PHE B 31 -29.43 -3.44 15.59
C PHE B 31 -30.17 -2.55 16.57
N SER B 32 -30.11 -2.89 17.85
CA SER B 32 -30.65 -2.00 18.87
C SER B 32 -29.52 -0.98 19.10
N PHE B 33 -29.88 0.19 19.62
CA PHE B 33 -28.89 1.21 19.95
C PHE B 33 -27.91 0.70 21.04
N TYR B 34 -28.42 -0.09 22.03
CA TYR B 34 -27.60 -0.71 23.07
C TYR B 34 -26.59 -1.73 22.50
N GLU B 35 -27.00 -2.51 21.46
CA GLU B 35 -26.11 -3.46 20.79
C GLU B 35 -24.92 -2.72 20.20
N LEU B 36 -25.17 -1.60 19.53
CA LEU B 36 -24.15 -0.77 18.90
C LEU B 36 -23.24 -0.05 19.87
N LYS B 37 -23.73 0.23 21.10
CA LYS B 37 -22.93 0.80 22.18
C LYS B 37 -21.86 -0.26 22.52
N ASN B 38 -22.29 -1.54 22.55
CA ASN B 38 -21.42 -2.69 22.82
C ASN B 38 -20.45 -3.03 21.64
N VAL B 39 -20.59 -2.39 20.46
CA VAL B 39 -19.70 -2.68 19.33
C VAL B 39 -18.64 -1.58 19.14
N THR B 40 -18.94 -0.35 19.62
CA THR B 40 -18.17 0.89 19.47
C THR B 40 -17.51 1.44 20.75
N ASN B 41 -17.49 0.65 21.84
CA ASN B 41 -16.99 1.03 23.16
C ASN B 41 -17.76 2.26 23.70
N ASN B 42 -19.11 2.19 23.60
CA ASN B 42 -20.09 3.22 24.01
C ASN B 42 -19.88 4.53 23.26
N PHE B 43 -19.67 4.41 21.92
CA PHE B 43 -19.40 5.49 20.98
C PHE B 43 -18.27 6.40 21.44
N ASP B 44 -17.11 5.79 21.74
CA ASP B 44 -15.89 6.46 22.18
C ASP B 44 -15.46 7.53 21.16
N GLU B 45 -15.74 8.81 21.51
CA GLU B 45 -15.48 10.02 20.70
C GLU B 45 -14.00 10.29 20.39
N ARG B 46 -13.07 9.75 21.22
CA ARG B 46 -11.62 9.97 21.06
C ARG B 46 -11.14 9.47 19.72
N PRO B 47 -10.21 10.17 19.04
CA PRO B 47 -9.68 9.63 17.76
C PRO B 47 -9.05 8.24 17.95
N ILE B 48 -9.05 7.43 16.88
CA ILE B 48 -8.46 6.09 16.85
C ILE B 48 -6.97 6.11 17.29
N SER B 49 -6.21 7.16 16.85
CA SER B 49 -4.79 7.37 17.17
C SER B 49 -4.51 7.50 18.69
N VAL B 50 -5.48 8.02 19.44
CA VAL B 50 -5.44 8.24 20.90
C VAL B 50 -5.93 6.98 21.68
N GLY B 51 -6.47 6.01 20.96
CA GLY B 51 -6.99 4.78 21.54
C GLY B 51 -8.51 4.70 21.60
N GLY B 52 -9.16 5.66 20.94
CA GLY B 52 -10.61 5.75 20.87
C GLY B 52 -11.20 5.03 19.68
N ASN B 53 -12.46 5.36 19.35
CA ASN B 53 -13.16 4.72 18.25
C ASN B 53 -13.50 5.65 17.08
N LYS B 54 -13.29 6.99 17.22
CA LYS B 54 -13.61 7.96 16.15
C LYS B 54 -12.70 7.84 14.92
N MET B 55 -13.34 7.66 13.74
CA MET B 55 -12.70 7.53 12.42
C MET B 55 -12.76 8.84 11.64
N GLY B 56 -13.84 9.61 11.84
CA GLY B 56 -14.09 10.88 11.19
C GLY B 56 -15.46 11.45 11.47
N GLU B 57 -15.75 12.63 10.88
CA GLU B 57 -17.03 13.36 10.98
C GLU B 57 -17.39 14.03 9.66
N GLY B 58 -18.70 14.20 9.43
CA GLY B 58 -19.26 14.86 8.25
C GLY B 58 -20.42 15.78 8.62
N GLY B 59 -21.65 15.37 8.34
CA GLY B 59 -22.06 14.10 7.74
C GLY B 59 -23.54 14.04 7.43
N PHE B 60 -24.45 14.50 8.34
CA PHE B 60 -24.18 15.07 9.66
C PHE B 60 -24.12 13.94 10.71
N GLY B 61 -22.90 13.61 11.08
CA GLY B 61 -22.64 12.54 12.04
C GLY B 61 -21.19 12.11 12.12
N VAL B 62 -20.88 11.41 13.21
CA VAL B 62 -19.56 10.89 13.51
C VAL B 62 -19.48 9.40 13.11
N VAL B 63 -18.33 8.98 12.58
CA VAL B 63 -18.03 7.62 12.12
C VAL B 63 -17.14 6.93 13.16
N TYR B 64 -17.61 5.79 13.71
CA TYR B 64 -16.92 5.03 14.77
C TYR B 64 -16.54 3.63 14.34
N LYS B 65 -15.38 3.13 14.82
CA LYS B 65 -14.92 1.76 14.53
C LYS B 65 -15.61 0.80 15.50
N GLY B 66 -16.01 -0.35 14.98
CA GLY B 66 -16.71 -1.38 15.74
C GLY B 66 -16.26 -2.79 15.44
N TYR B 67 -16.57 -3.72 16.34
CA TYR B 67 -16.21 -5.12 16.15
C TYR B 67 -17.43 -5.98 16.43
N VAL B 68 -17.90 -6.71 15.43
CA VAL B 68 -19.02 -7.65 15.55
C VAL B 68 -18.40 -9.02 15.25
N ASN B 69 -18.01 -9.73 16.32
CA ASN B 69 -17.28 -11.01 16.35
C ASN B 69 -15.86 -10.88 15.78
N ASN B 70 -15.63 -11.36 14.53
CA ASN B 70 -14.32 -11.27 13.90
C ASN B 70 -14.33 -10.24 12.79
N THR B 71 -15.45 -9.48 12.69
CA THR B 71 -15.66 -8.45 11.67
C THR B 71 -15.54 -7.04 12.23
N THR B 72 -14.65 -6.24 11.61
CA THR B 72 -14.47 -4.84 11.89
C THR B 72 -15.54 -4.14 11.08
N VAL B 73 -16.24 -3.18 11.69
CA VAL B 73 -17.29 -2.41 11.06
C VAL B 73 -17.12 -0.91 11.24
N ALA B 74 -17.89 -0.14 10.49
CA ALA B 74 -17.95 1.31 10.61
C ALA B 74 -19.37 1.65 11.05
N VAL B 75 -19.52 2.43 12.11
CA VAL B 75 -20.84 2.82 12.62
C VAL B 75 -20.96 4.33 12.53
N LYS B 76 -21.87 4.82 11.68
CA LYS B 76 -22.14 6.25 11.58
C LYS B 76 -23.33 6.58 12.46
N LYS B 77 -23.11 7.40 13.51
CA LYS B 77 -24.13 7.89 14.43
C LYS B 77 -24.46 9.30 13.96
N LEU B 78 -25.69 9.52 13.50
CA LEU B 78 -26.15 10.81 12.98
C LEU B 78 -26.49 11.81 14.08
N ALA B 79 -26.06 13.07 13.91
CA ALA B 79 -26.26 14.14 14.88
C ALA B 79 -26.81 15.42 14.24
N GLU B 87 -36.16 15.58 11.75
CA GLU B 87 -36.95 15.05 10.63
C GLU B 87 -36.12 15.05 9.35
N GLU B 88 -35.30 16.11 9.16
CA GLU B 88 -34.42 16.30 8.00
C GLU B 88 -33.32 15.23 8.00
N LEU B 89 -32.86 14.89 9.22
CA LEU B 89 -31.82 13.92 9.49
C LEU B 89 -32.39 12.51 9.32
N LYS B 90 -33.67 12.32 9.70
CA LYS B 90 -34.37 11.04 9.56
C LYS B 90 -34.67 10.73 8.10
N GLN B 91 -35.00 11.76 7.28
CA GLN B 91 -35.24 11.62 5.85
C GLN B 91 -33.96 11.13 5.15
N GLN B 92 -32.79 11.64 5.60
CA GLN B 92 -31.46 11.27 5.10
C GLN B 92 -31.10 9.82 5.49
N PHE B 93 -31.50 9.39 6.71
CA PHE B 93 -31.28 8.05 7.23
C PHE B 93 -32.07 7.03 6.39
N ASP B 94 -33.36 7.33 6.11
CA ASP B 94 -34.22 6.48 5.29
C ASP B 94 -33.75 6.40 3.84
N GLN B 95 -33.24 7.52 3.28
CA GLN B 95 -32.76 7.59 1.90
C GLN B 95 -31.52 6.72 1.71
N GLU B 96 -30.59 6.74 2.68
CA GLU B 96 -29.39 5.91 2.71
C GLU B 96 -29.78 4.41 2.64
N ILE B 97 -30.70 3.95 3.51
CA ILE B 97 -31.19 2.56 3.56
C ILE B 97 -31.88 2.20 2.24
N LYS B 98 -32.68 3.15 1.70
CA LYS B 98 -33.43 3.00 0.44
C LYS B 98 -32.48 2.78 -0.74
N VAL B 99 -31.41 3.60 -0.83
CA VAL B 99 -30.36 3.54 -1.85
C VAL B 99 -29.54 2.24 -1.68
N MET B 100 -29.17 1.89 -0.44
CA MET B 100 -28.36 0.70 -0.15
C MET B 100 -29.09 -0.62 -0.35
N ALA B 101 -30.43 -0.63 -0.20
CA ALA B 101 -31.23 -1.83 -0.41
C ALA B 101 -31.28 -2.18 -1.90
N LYS B 102 -31.30 -1.14 -2.75
CA LYS B 102 -31.37 -1.27 -4.21
C LYS B 102 -30.00 -1.32 -4.89
N CYS B 103 -29.00 -0.65 -4.31
CA CYS B 103 -27.68 -0.51 -4.92
C CYS B 103 -26.57 -1.27 -4.22
N GLN B 104 -26.17 -2.38 -4.83
CA GLN B 104 -25.09 -3.25 -4.37
C GLN B 104 -24.10 -3.39 -5.54
N HIS B 105 -22.89 -2.86 -5.35
CA HIS B 105 -21.84 -2.83 -6.38
C HIS B 105 -20.48 -2.80 -5.69
N GLU B 106 -19.45 -3.32 -6.37
CA GLU B 106 -18.08 -3.37 -5.85
C GLU B 106 -17.47 -1.99 -5.63
N ASN B 107 -18.00 -0.94 -6.27
CA ASN B 107 -17.50 0.41 -6.11
C ASN B 107 -18.43 1.31 -5.30
N LEU B 108 -19.30 0.71 -4.48
CA LEU B 108 -20.19 1.40 -3.55
C LEU B 108 -19.98 0.76 -2.20
N VAL B 109 -19.96 1.54 -1.11
CA VAL B 109 -19.82 0.97 0.25
C VAL B 109 -21.03 0.08 0.56
N GLU B 110 -20.81 -1.03 1.27
CA GLU B 110 -21.89 -1.93 1.61
C GLU B 110 -22.44 -1.64 3.01
N LEU B 111 -23.77 -1.51 3.11
CA LEU B 111 -24.47 -1.32 4.38
C LEU B 111 -24.74 -2.71 4.93
N LEU B 112 -24.36 -2.94 6.18
CA LEU B 112 -24.54 -4.22 6.85
C LEU B 112 -25.80 -4.22 7.71
N GLY B 113 -26.13 -3.06 8.24
CA GLY B 113 -27.29 -2.87 9.09
C GLY B 113 -27.50 -1.45 9.54
N PHE B 114 -28.48 -1.26 10.43
CA PHE B 114 -28.89 0.06 10.92
C PHE B 114 -29.49 -0.03 12.32
N SER B 115 -29.77 1.15 12.93
CA SER B 115 -30.41 1.32 14.24
C SER B 115 -31.23 2.60 14.24
N SER B 116 -32.51 2.49 14.63
CA SER B 116 -33.45 3.60 14.77
C SER B 116 -34.38 3.36 15.96
N ASP B 120 -31.78 8.27 18.55
CA ASP B 120 -30.46 8.06 17.94
C ASP B 120 -30.54 7.17 16.69
N LEU B 121 -29.93 7.65 15.59
CA LEU B 121 -29.93 6.96 14.30
C LEU B 121 -28.54 6.52 13.90
N CYS B 122 -28.36 5.20 13.68
CA CYS B 122 -27.06 4.61 13.32
C CYS B 122 -27.11 3.81 12.04
N LEU B 123 -26.02 3.86 11.27
CA LEU B 123 -25.84 3.10 10.04
C LEU B 123 -24.54 2.32 10.14
N VAL B 124 -24.61 1.00 9.92
CA VAL B 124 -23.46 0.08 10.02
C VAL B 124 -22.98 -0.35 8.64
N TYR B 125 -21.67 -0.23 8.37
CA TYR B 125 -21.05 -0.53 7.07
C TYR B 125 -19.86 -1.45 7.15
N VAL B 126 -19.45 -2.00 5.99
CA VAL B 126 -18.21 -2.78 5.85
C VAL B 126 -17.05 -1.78 6.06
N TYR B 127 -16.09 -2.16 6.90
CA TYR B 127 -14.91 -1.35 7.23
C TYR B 127 -13.97 -1.11 6.02
N MET B 128 -13.56 0.16 5.83
CA MET B 128 -12.64 0.65 4.80
C MET B 128 -11.33 1.04 5.49
N PRO B 129 -10.35 0.10 5.48
CA PRO B 129 -9.08 0.35 6.19
C PRO B 129 -8.26 1.56 5.73
N ASN B 130 -8.36 1.94 4.43
CA ASN B 130 -7.54 3.04 3.89
C ASN B 130 -8.24 4.38 3.83
N GLY B 131 -9.36 4.48 4.56
CA GLY B 131 -10.14 5.70 4.72
C GLY B 131 -10.59 6.36 3.45
N SER B 132 -10.56 7.69 3.40
CA SER B 132 -11.00 8.44 2.24
C SER B 132 -9.87 8.82 1.28
N LEU B 133 -10.23 9.07 0.01
CA LEU B 133 -9.33 9.51 -1.06
C LEU B 133 -8.74 10.88 -0.71
N LEU B 134 -9.53 11.75 -0.04
CA LEU B 134 -9.08 13.08 0.41
C LEU B 134 -7.85 12.92 1.34
N ASP B 135 -7.96 12.05 2.34
CA ASP B 135 -6.92 11.83 3.32
C ASP B 135 -5.70 11.16 2.74
N ARG B 136 -5.88 10.31 1.72
CA ARG B 136 -4.76 9.63 1.07
C ARG B 136 -4.04 10.57 0.13
N LEU B 137 -4.76 11.53 -0.46
CA LEU B 137 -4.16 12.56 -1.31
C LEU B 137 -3.36 13.56 -0.47
N SER B 138 -3.80 13.82 0.76
CA SER B 138 -3.08 14.73 1.65
C SER B 138 -2.01 14.01 2.50
N CYS B 139 -1.96 12.66 2.41
CA CYS B 139 -1.07 11.75 3.14
C CYS B 139 -1.24 11.93 4.65
N LEU B 140 -2.50 12.09 5.08
CA LEU B 140 -2.88 12.27 6.47
C LEU B 140 -2.42 11.08 7.31
N ASP B 141 -1.77 11.39 8.46
CA ASP B 141 -1.24 10.44 9.44
C ASP B 141 0.01 9.72 8.93
N GLY B 142 0.63 10.30 7.90
CA GLY B 142 1.89 9.83 7.32
C GLY B 142 1.82 8.64 6.39
N THR B 143 0.64 8.43 5.75
CA THR B 143 0.46 7.35 4.78
C THR B 143 1.29 7.69 3.52
N PRO B 144 1.88 6.73 2.79
CA PRO B 144 2.72 7.13 1.65
C PRO B 144 1.90 7.73 0.50
N PRO B 145 2.49 8.64 -0.32
CA PRO B 145 1.71 9.20 -1.45
C PRO B 145 1.22 8.10 -2.38
N LEU B 146 0.00 8.23 -2.94
CA LEU B 146 -0.55 7.27 -3.89
C LEU B 146 0.18 7.43 -5.21
N SER B 147 0.56 6.32 -5.84
CA SER B 147 1.24 6.32 -7.11
C SER B 147 0.22 6.71 -8.17
N TRP B 148 0.70 7.12 -9.35
CA TRP B 148 -0.15 7.45 -10.49
C TRP B 148 -0.96 6.22 -10.93
N HIS B 149 -0.31 5.04 -10.92
CA HIS B 149 -0.90 3.75 -11.25
C HIS B 149 -2.14 3.50 -10.36
N MET B 150 -1.99 3.68 -9.04
CA MET B 150 -3.05 3.52 -8.06
C MET B 150 -4.16 4.56 -8.27
N ARG B 151 -3.77 5.82 -8.55
CA ARG B 151 -4.69 6.93 -8.83
C ARG B 151 -5.62 6.66 -10.01
N CYS B 152 -5.09 6.03 -11.07
CA CYS B 152 -5.84 5.63 -12.26
C CYS B 152 -6.89 4.59 -11.94
N LYS B 153 -6.54 3.59 -11.12
CA LYS B 153 -7.44 2.52 -10.66
C LYS B 153 -8.58 3.08 -9.81
N ILE B 154 -8.25 4.05 -8.94
CA ILE B 154 -9.21 4.73 -8.06
C ILE B 154 -10.23 5.53 -8.90
N ALA B 155 -9.74 6.33 -9.87
CA ALA B 155 -10.56 7.13 -10.78
C ALA B 155 -11.51 6.24 -11.59
N GLN B 156 -11.01 5.12 -12.13
CA GLN B 156 -11.79 4.13 -12.89
C GLN B 156 -12.85 3.49 -11.99
N GLY B 157 -12.44 3.09 -10.78
CA GLY B 157 -13.31 2.49 -9.78
C GLY B 157 -14.43 3.42 -9.34
N ALA B 158 -14.09 4.71 -9.08
CA ALA B 158 -15.08 5.73 -8.72
C ALA B 158 -16.07 5.99 -9.88
N ALA B 159 -15.58 6.02 -11.14
CA ALA B 159 -16.43 6.19 -12.33
C ALA B 159 -17.43 5.02 -12.47
N ASN B 160 -16.98 3.76 -12.18
CA ASN B 160 -17.84 2.56 -12.22
C ASN B 160 -18.94 2.62 -11.17
N GLY B 161 -18.62 3.17 -10.00
CA GLY B 161 -19.58 3.37 -8.91
C GLY B 161 -20.65 4.37 -9.26
N ILE B 162 -20.27 5.54 -9.85
CA ILE B 162 -21.21 6.57 -10.31
C ILE B 162 -22.08 6.04 -11.46
N ASN B 163 -21.47 5.25 -12.37
CA ASN B 163 -22.19 4.64 -13.48
C ASN B 163 -23.29 3.72 -12.98
N PHE B 164 -22.99 2.89 -11.95
CA PHE B 164 -23.98 2.01 -11.37
C PHE B 164 -25.15 2.84 -10.83
N LEU B 165 -24.85 3.91 -10.08
CA LEU B 165 -25.84 4.83 -9.51
C LEU B 165 -26.73 5.47 -10.57
N HIS B 166 -26.13 5.99 -11.65
CA HIS B 166 -26.86 6.64 -12.76
C HIS B 166 -27.69 5.63 -13.57
N GLU B 167 -27.17 4.40 -13.80
CA GLU B 167 -27.88 3.32 -14.50
C GLU B 167 -29.12 2.91 -13.70
N ASN B 168 -29.02 3.04 -12.37
CA ASN B 168 -30.07 2.71 -11.42
C ASN B 168 -30.91 3.93 -11.04
N HIS B 169 -30.79 5.01 -11.84
CA HIS B 169 -31.54 6.28 -11.77
C HIS B 169 -31.40 7.00 -10.42
N HIS B 170 -30.16 7.13 -9.95
CA HIS B 170 -29.83 7.84 -8.72
C HIS B 170 -28.83 8.94 -8.96
N ILE B 171 -29.10 10.13 -8.43
CA ILE B 171 -28.21 11.27 -8.48
C ILE B 171 -27.63 11.33 -7.07
N HIS B 172 -26.30 11.22 -6.93
CA HIS B 172 -25.60 11.23 -5.66
C HIS B 172 -25.75 12.57 -4.91
N ARG B 173 -25.48 13.70 -5.61
CA ARG B 173 -25.60 15.11 -5.15
C ARG B 173 -24.45 15.58 -4.22
N ASP B 174 -23.49 14.69 -3.88
CA ASP B 174 -22.35 15.07 -3.03
C ASP B 174 -21.06 14.28 -3.39
N ILE B 175 -20.75 14.20 -4.71
CA ILE B 175 -19.53 13.54 -5.19
C ILE B 175 -18.36 14.44 -4.81
N LYS B 176 -17.47 13.90 -3.97
CA LYS B 176 -16.24 14.54 -3.49
C LYS B 176 -15.28 13.47 -3.02
N SER B 177 -13.98 13.80 -2.91
CA SER B 177 -12.92 12.87 -2.52
C SER B 177 -13.04 12.39 -1.05
N ALA B 178 -13.78 13.12 -0.19
CA ALA B 178 -14.05 12.71 1.20
C ALA B 178 -15.07 11.56 1.23
N ASN B 179 -15.96 11.49 0.20
CA ASN B 179 -17.00 10.45 0.04
C ASN B 179 -16.57 9.26 -0.82
N ILE B 180 -15.29 9.25 -1.27
CA ILE B 180 -14.75 8.13 -2.01
C ILE B 180 -13.83 7.41 -1.03
N LEU B 181 -14.27 6.24 -0.56
CA LEU B 181 -13.52 5.46 0.41
C LEU B 181 -12.64 4.39 -0.24
N LEU B 182 -11.60 3.97 0.48
CA LEU B 182 -10.61 3.00 -0.02
C LEU B 182 -10.48 1.78 0.88
N ASP B 183 -10.69 0.59 0.30
CA ASP B 183 -10.58 -0.65 1.06
C ASP B 183 -9.12 -1.12 1.16
N GLU B 184 -8.90 -2.32 1.70
CA GLU B 184 -7.60 -2.98 1.86
C GLU B 184 -6.74 -3.05 0.55
N ALA B 185 -7.40 -3.18 -0.64
CA ALA B 185 -6.72 -3.23 -1.94
C ALA B 185 -6.75 -1.88 -2.68
N PHE B 186 -7.19 -0.81 -1.97
CA PHE B 186 -7.34 0.56 -2.49
C PHE B 186 -8.39 0.63 -3.63
N THR B 187 -9.44 -0.22 -3.50
CA THR B 187 -10.58 -0.25 -4.40
C THR B 187 -11.46 0.93 -3.97
N ALA B 188 -11.83 1.80 -4.93
CA ALA B 188 -12.66 2.99 -4.69
C ALA B 188 -14.10 2.56 -4.38
N LYS B 189 -14.66 3.05 -3.26
CA LYS B 189 -16.03 2.76 -2.82
C LYS B 189 -16.76 4.06 -2.52
N ILE B 190 -17.77 4.42 -3.35
CA ILE B 190 -18.56 5.64 -3.14
C ILE B 190 -19.46 5.46 -1.91
N SER B 191 -19.52 6.52 -1.08
CA SER B 191 -20.29 6.56 0.17
C SER B 191 -21.15 7.83 0.22
N ASP B 192 -21.95 7.98 1.30
CA ASP B 192 -22.85 9.09 1.63
C ASP B 192 -23.95 9.29 0.58
N PHE B 193 -25.06 8.56 0.74
CA PHE B 193 -26.21 8.58 -0.15
C PHE B 193 -27.43 9.19 0.55
N GLY B 194 -27.17 9.88 1.67
CA GLY B 194 -28.18 10.55 2.48
C GLY B 194 -28.95 11.63 1.75
N LEU B 195 -28.27 12.36 0.85
CA LEU B 195 -28.86 13.42 0.04
C LEU B 195 -29.17 12.96 -1.40
N ALA B 196 -29.03 11.66 -1.70
CA ALA B 196 -29.26 11.11 -3.04
C ALA B 196 -30.71 11.27 -3.51
N ARG B 197 -30.91 11.43 -4.83
CA ARG B 197 -32.24 11.60 -5.43
C ARG B 197 -32.54 10.63 -6.56
N ALA B 198 -33.78 10.14 -6.63
CA ALA B 198 -34.23 9.25 -7.71
C ALA B 198 -34.62 10.05 -8.95
N SER B 199 -34.05 9.66 -10.12
CA SER B 199 -34.30 10.29 -11.43
C SER B 199 -34.81 9.29 -12.45
N MET B 207 -35.88 21.10 -10.02
CA MET B 207 -35.41 22.17 -9.15
C MET B 207 -35.88 22.03 -7.69
N TPO B 208 -35.05 22.47 -6.71
CA TPO B 208 -35.32 22.37 -5.28
CB TPO B 208 -34.39 21.30 -4.62
CG2 TPO B 208 -32.86 21.58 -4.66
OG1 TPO B 208 -34.80 21.02 -3.25
P TPO B 208 -35.99 20.05 -3.07
O1P TPO B 208 -35.68 19.17 -1.84
O2P TPO B 208 -36.33 19.20 -4.31
O3P TPO B 208 -37.25 20.89 -2.75
C TPO B 208 -35.23 23.67 -4.45
O TPO B 208 -34.46 24.57 -4.80
N SER B 209 -36.00 23.72 -3.33
CA SER B 209 -36.04 24.82 -2.39
C SER B 209 -34.81 24.79 -1.48
N ARG B 210 -34.35 23.57 -1.10
CA ARG B 210 -33.19 23.35 -0.26
C ARG B 210 -31.97 22.90 -1.07
N ILE B 211 -31.04 23.84 -1.33
CA ILE B 211 -29.80 23.60 -2.06
C ILE B 211 -28.78 22.92 -1.13
N VAL B 212 -28.32 21.71 -1.49
CA VAL B 212 -27.36 20.93 -0.68
C VAL B 212 -26.15 20.40 -1.51
N GLY B 213 -25.03 20.18 -0.82
CA GLY B 213 -23.77 19.70 -1.37
C GLY B 213 -22.56 20.46 -0.86
N THR B 214 -21.38 20.19 -1.43
CA THR B 214 -20.11 20.84 -1.08
C THR B 214 -19.76 21.82 -2.17
N THR B 215 -19.89 23.12 -1.87
CA THR B 215 -19.71 24.32 -2.71
C THR B 215 -18.54 24.21 -3.71
N ALA B 216 -17.36 23.83 -3.22
CA ALA B 216 -16.12 23.69 -4.01
C ALA B 216 -16.20 22.64 -5.13
N TYR B 217 -17.15 21.69 -5.03
CA TYR B 217 -17.36 20.59 -5.96
C TYR B 217 -18.58 20.77 -6.84
N MET B 218 -19.53 21.61 -6.42
CA MET B 218 -20.82 21.83 -7.08
C MET B 218 -20.76 22.55 -8.41
N ALA B 219 -21.63 22.10 -9.33
CA ALA B 219 -21.86 22.65 -10.67
C ALA B 219 -22.68 23.94 -10.54
N PRO B 220 -22.55 24.93 -11.47
CA PRO B 220 -23.34 26.17 -11.35
C PRO B 220 -24.86 25.97 -11.21
N GLU B 221 -25.43 25.03 -11.97
CA GLU B 221 -26.87 24.74 -11.91
C GLU B 221 -27.28 24.08 -10.58
N ALA B 222 -26.36 23.33 -9.95
CA ALA B 222 -26.60 22.68 -8.66
C ALA B 222 -26.64 23.75 -7.56
N LEU B 223 -25.75 24.76 -7.67
CA LEU B 223 -25.69 25.91 -6.76
C LEU B 223 -26.95 26.76 -6.89
N ARG B 224 -27.66 26.63 -8.02
CA ARG B 224 -28.90 27.33 -8.35
C ARG B 224 -30.17 26.55 -7.99
N GLY B 225 -30.03 25.28 -7.64
CA GLY B 225 -31.15 24.45 -7.24
C GLY B 225 -31.56 23.32 -8.16
N GLU B 226 -30.87 23.14 -9.30
CA GLU B 226 -31.21 22.07 -10.23
C GLU B 226 -30.71 20.71 -9.73
N ILE B 227 -31.57 19.68 -9.86
CA ILE B 227 -31.26 18.30 -9.49
C ILE B 227 -31.14 17.53 -10.81
N THR B 228 -29.89 17.21 -11.19
CA THR B 228 -29.58 16.52 -12.45
C THR B 228 -28.35 15.64 -12.30
N PRO B 229 -28.31 14.41 -12.91
CA PRO B 229 -27.09 13.57 -12.82
C PRO B 229 -25.85 14.22 -13.48
N LYS B 230 -26.07 15.18 -14.38
CA LYS B 230 -25.05 15.97 -15.07
C LYS B 230 -24.23 16.79 -14.05
N SER B 231 -24.83 17.08 -12.88
CA SER B 231 -24.19 17.80 -11.78
C SER B 231 -23.17 16.91 -11.06
N ASP B 232 -23.43 15.58 -10.97
CA ASP B 232 -22.52 14.58 -10.40
C ASP B 232 -21.24 14.48 -11.27
N ILE B 233 -21.39 14.62 -12.61
CA ILE B 233 -20.30 14.61 -13.60
C ILE B 233 -19.31 15.74 -13.32
N TYR B 234 -19.84 16.98 -13.14
CA TYR B 234 -19.05 18.17 -12.82
C TYR B 234 -18.17 17.93 -11.59
N SER B 235 -18.79 17.50 -10.47
CA SER B 235 -18.15 17.21 -9.20
C SER B 235 -17.04 16.15 -9.30
N PHE B 236 -17.23 15.15 -10.17
CA PHE B 236 -16.23 14.12 -10.44
C PHE B 236 -15.03 14.73 -11.17
N GLY B 237 -15.27 15.74 -12.02
CA GLY B 237 -14.23 16.51 -12.70
C GLY B 237 -13.31 17.19 -11.70
N VAL B 238 -13.88 17.73 -10.61
CA VAL B 238 -13.12 18.34 -9.51
C VAL B 238 -12.31 17.25 -8.81
N VAL B 239 -12.93 16.07 -8.57
CA VAL B 239 -12.27 14.90 -7.97
C VAL B 239 -11.04 14.53 -8.82
N LEU B 240 -11.20 14.46 -10.16
CA LEU B 240 -10.09 14.16 -11.08
C LEU B 240 -8.97 15.18 -10.99
N LEU B 241 -9.31 16.47 -10.76
CA LEU B 241 -8.30 17.51 -10.60
C LEU B 241 -7.51 17.29 -9.29
N GLU B 242 -8.19 16.82 -8.23
CA GLU B 242 -7.57 16.50 -6.93
C GLU B 242 -6.61 15.31 -7.10
N ILE B 243 -7.01 14.30 -7.91
CA ILE B 243 -6.19 13.11 -8.20
C ILE B 243 -4.89 13.50 -8.94
N ILE B 244 -5.00 14.39 -9.97
CA ILE B 244 -3.87 14.87 -10.78
C ILE B 244 -2.87 15.72 -9.97
N THR B 245 -3.40 16.70 -9.21
CA THR B 245 -2.64 17.72 -8.48
C THR B 245 -2.28 17.38 -7.04
N GLY B 246 -3.10 16.57 -6.38
CA GLY B 246 -2.94 16.24 -4.97
C GLY B 246 -3.37 17.39 -4.08
N LEU B 247 -4.01 18.42 -4.69
CA LEU B 247 -4.48 19.63 -4.03
C LEU B 247 -5.94 19.52 -3.59
N PRO B 248 -6.32 20.06 -2.41
CA PRO B 248 -7.74 20.01 -1.99
C PRO B 248 -8.60 20.97 -2.86
N ALA B 249 -9.90 20.65 -3.07
CA ALA B 249 -10.82 21.46 -3.89
C ALA B 249 -10.90 22.92 -3.45
N VAL B 250 -10.76 23.14 -2.14
CA VAL B 250 -10.76 24.47 -1.53
C VAL B 250 -9.62 24.57 -0.48
N ASP B 251 -8.89 25.68 -0.51
CA ASP B 251 -7.84 25.97 0.45
C ASP B 251 -7.89 27.48 0.66
N GLU B 252 -8.30 27.91 1.88
CA GLU B 252 -8.44 29.31 2.31
C GLU B 252 -7.13 30.10 2.18
N HIS B 253 -5.97 29.43 2.38
CA HIS B 253 -4.63 30.04 2.30
C HIS B 253 -3.98 29.79 0.93
N ARG B 254 -4.79 29.73 -0.17
CA ARG B 254 -4.27 29.46 -1.52
C ARG B 254 -4.82 30.42 -2.58
N GLU B 255 -4.07 30.60 -3.68
CA GLU B 255 -4.45 31.41 -4.83
C GLU B 255 -4.23 30.57 -6.11
N PRO B 256 -5.29 30.06 -6.80
CA PRO B 256 -6.73 30.24 -6.52
C PRO B 256 -7.21 29.38 -5.37
N GLN B 257 -8.15 29.92 -4.56
CA GLN B 257 -8.75 29.25 -3.40
C GLN B 257 -9.53 28.00 -3.83
N LEU B 258 -10.13 28.04 -5.04
CA LEU B 258 -10.90 26.94 -5.63
C LEU B 258 -10.09 26.28 -6.73
N LEU B 259 -9.92 24.94 -6.63
CA LEU B 259 -9.19 24.11 -7.58
C LEU B 259 -9.74 24.17 -9.00
N LEU B 260 -11.09 24.19 -9.17
CA LEU B 260 -11.75 24.27 -10.49
C LEU B 260 -11.31 25.51 -11.31
N ASP B 261 -10.79 26.57 -10.64
CA ASP B 261 -10.26 27.78 -11.29
C ASP B 261 -8.93 27.55 -12.04
N ILE B 262 -8.22 26.41 -11.78
CA ILE B 262 -6.96 26.11 -12.46
C ILE B 262 -7.20 25.73 -13.94
N LYS B 263 -8.41 25.19 -14.25
CA LYS B 263 -8.84 24.82 -15.60
C LYS B 263 -8.78 26.06 -16.53
N GLU B 264 -9.19 27.24 -16.00
CA GLU B 264 -9.19 28.53 -16.72
C GLU B 264 -7.75 29.06 -16.90
N GLU B 265 -6.89 28.82 -15.87
CA GLU B 265 -5.47 29.21 -15.84
C GLU B 265 -4.68 28.43 -16.89
N ILE B 266 -4.97 27.12 -16.99
CA ILE B 266 -4.34 26.21 -17.96
C ILE B 266 -4.79 26.60 -19.38
N GLU B 267 -6.06 27.01 -19.55
CA GLU B 267 -6.60 27.47 -20.82
C GLU B 267 -6.05 28.84 -21.27
N ASP B 268 -5.37 29.57 -20.34
CA ASP B 268 -4.75 30.89 -20.60
C ASP B 268 -3.27 30.91 -20.18
N LYS B 271 0.30 29.18 -17.37
CA LYS B 271 0.18 27.94 -16.59
C LYS B 271 -0.21 26.72 -17.43
N THR B 272 0.39 25.56 -17.14
CA THR B 272 0.08 24.30 -17.84
C THR B 272 -0.24 23.18 -16.83
N ILE B 273 -0.82 22.04 -17.31
CA ILE B 273 -1.17 20.93 -16.42
C ILE B 273 0.09 20.33 -15.76
N GLU B 274 1.25 20.40 -16.45
CA GLU B 274 2.55 19.94 -15.96
C GLU B 274 2.98 20.66 -14.70
N ASP B 275 2.69 21.97 -14.61
CA ASP B 275 2.97 22.82 -13.45
C ASP B 275 2.13 22.42 -12.24
N TYR B 276 0.96 21.80 -12.49
CA TYR B 276 0.02 21.41 -11.46
C TYR B 276 0.06 19.94 -11.04
N ILE B 277 0.70 19.05 -11.85
CA ILE B 277 0.81 17.62 -11.52
C ILE B 277 1.41 17.45 -10.14
N ASP B 278 0.85 16.53 -9.34
CA ASP B 278 1.32 16.22 -8.01
C ASP B 278 2.77 15.74 -8.12
N LYS B 279 3.67 16.47 -7.45
CA LYS B 279 5.10 16.20 -7.41
C LYS B 279 5.43 15.01 -6.51
N LYS B 280 4.45 14.54 -5.72
CA LYS B 280 4.60 13.38 -4.84
C LYS B 280 4.34 12.05 -5.59
N MET B 281 4.74 11.98 -6.87
CA MET B 281 4.63 10.80 -7.71
C MET B 281 5.88 10.72 -8.58
N ASN B 282 6.33 9.51 -8.94
CA ASN B 282 7.46 9.34 -9.87
C ASN B 282 7.14 8.38 -11.03
N ASP B 283 5.87 7.92 -11.11
CA ASP B 283 5.38 6.98 -12.13
C ASP B 283 4.33 7.60 -13.06
N ALA B 284 4.12 8.92 -12.97
CA ALA B 284 3.16 9.63 -13.81
C ALA B 284 3.77 9.96 -15.15
N ASP B 285 3.13 9.54 -16.23
CA ASP B 285 3.57 9.88 -17.58
C ASP B 285 2.62 10.94 -18.11
N SER B 286 3.19 11.93 -18.80
CA SER B 286 2.47 13.06 -19.37
C SER B 286 1.25 12.66 -20.23
N THR B 287 1.39 11.58 -21.02
CA THR B 287 0.32 11.06 -21.90
C THR B 287 -0.95 10.72 -21.10
N SER B 288 -0.85 9.83 -20.08
CA SER B 288 -2.01 9.47 -19.25
C SER B 288 -2.50 10.64 -18.38
N VAL B 289 -1.58 11.47 -17.82
CA VAL B 289 -1.97 12.65 -17.02
C VAL B 289 -2.82 13.61 -17.86
N GLU B 290 -2.34 13.97 -19.08
CA GLU B 290 -3.05 14.83 -20.03
C GLU B 290 -4.41 14.23 -20.43
N ALA B 291 -4.46 12.89 -20.61
CA ALA B 291 -5.68 12.16 -20.93
C ALA B 291 -6.72 12.24 -19.78
N MET B 292 -6.28 12.12 -18.49
CA MET B 292 -7.18 12.25 -17.33
C MET B 292 -7.63 13.70 -17.20
N TYR B 293 -6.72 14.66 -17.51
CA TYR B 293 -7.04 16.09 -17.49
C TYR B 293 -8.10 16.43 -18.52
N SER B 294 -8.03 15.77 -19.71
CA SER B 294 -8.98 15.95 -20.81
C SER B 294 -10.39 15.51 -20.35
N VAL B 295 -10.47 14.39 -19.60
CA VAL B 295 -11.72 13.84 -19.03
C VAL B 295 -12.29 14.85 -18.00
N ALA B 296 -11.44 15.34 -17.08
CA ALA B 296 -11.79 16.31 -16.04
C ALA B 296 -12.27 17.61 -16.65
N SER B 297 -11.56 18.11 -17.69
CA SER B 297 -11.88 19.33 -18.45
C SER B 297 -13.29 19.22 -19.05
N GLN B 298 -13.62 18.07 -19.68
CA GLN B 298 -14.92 17.78 -20.28
C GLN B 298 -16.01 17.72 -19.20
N CYS B 299 -15.69 17.11 -18.04
CA CYS B 299 -16.60 17.02 -16.89
C CYS B 299 -16.95 18.40 -16.35
N LEU B 300 -15.96 19.31 -16.35
CA LEU B 300 -16.06 20.66 -15.81
C LEU B 300 -16.58 21.71 -16.78
N HIS B 301 -17.22 21.27 -17.89
CA HIS B 301 -17.83 22.20 -18.83
C HIS B 301 -18.96 22.88 -18.08
N GLU B 302 -18.93 24.21 -18.03
CA GLU B 302 -19.90 25.05 -17.30
C GLU B 302 -21.36 24.84 -17.77
N LYS B 303 -21.56 24.33 -19.00
CA LYS B 303 -22.87 24.04 -19.60
C LYS B 303 -23.18 22.54 -19.49
N LYS B 304 -24.13 22.19 -18.61
CA LYS B 304 -24.56 20.82 -18.28
C LYS B 304 -24.69 19.86 -19.48
N ASN B 305 -25.32 20.31 -20.57
CA ASN B 305 -25.55 19.49 -21.77
C ASN B 305 -24.29 19.21 -22.60
N LYS B 306 -23.23 20.00 -22.38
CA LYS B 306 -21.95 19.86 -23.09
C LYS B 306 -21.02 18.87 -22.38
N ARG B 307 -21.31 18.56 -21.11
CA ARG B 307 -20.58 17.59 -20.29
C ARG B 307 -20.87 16.14 -20.77
N PRO B 308 -19.90 15.20 -20.71
CA PRO B 308 -20.20 13.83 -21.14
C PRO B 308 -20.97 13.07 -20.06
N ASP B 309 -21.72 12.02 -20.44
CA ASP B 309 -22.42 11.20 -19.45
C ASP B 309 -21.39 10.28 -18.75
N ILE B 310 -21.75 9.65 -17.62
CA ILE B 310 -20.82 8.79 -16.87
C ILE B 310 -20.25 7.62 -17.73
N LYS B 311 -21.06 7.08 -18.67
CA LYS B 311 -20.65 5.99 -19.57
C LYS B 311 -19.45 6.42 -20.43
N LYS B 312 -19.49 7.66 -20.96
CA LYS B 312 -18.40 8.23 -21.76
C LYS B 312 -17.16 8.44 -20.87
N VAL B 313 -17.38 8.94 -19.62
CA VAL B 313 -16.33 9.16 -18.61
C VAL B 313 -15.62 7.83 -18.33
N GLN B 314 -16.41 6.75 -18.12
CA GLN B 314 -15.95 5.39 -17.89
C GLN B 314 -15.08 4.90 -19.03
N GLN B 315 -15.56 5.02 -20.29
CA GLN B 315 -14.82 4.56 -21.48
C GLN B 315 -13.56 5.42 -21.77
N LEU B 316 -13.58 6.73 -21.44
CA LEU B 316 -12.41 7.58 -21.61
C LEU B 316 -11.31 7.23 -20.60
N LEU B 317 -11.71 6.89 -19.35
CA LEU B 317 -10.77 6.48 -18.30
C LEU B 317 -10.27 5.05 -18.57
N GLN B 318 -11.09 4.23 -19.28
CA GLN B 318 -10.76 2.86 -19.70
C GLN B 318 -9.65 2.96 -20.78
N GLU B 319 -9.87 3.79 -21.82
CA GLU B 319 -8.96 4.04 -22.95
C GLU B 319 -7.63 4.67 -22.52
N MET B 320 -7.65 5.38 -21.38
CA MET B 320 -6.52 6.07 -20.76
C MET B 320 -5.35 5.13 -20.38
N THR B 321 -5.67 3.97 -19.78
CA THR B 321 -4.67 2.96 -19.35
C THR B 321 -4.57 1.76 -20.31
N ASP C 25 47.43 19.76 -4.61
CA ASP C 25 47.63 20.45 -3.35
C ASP C 25 46.70 19.97 -2.23
N THR C 26 45.53 19.40 -2.60
CA THR C 26 44.53 18.87 -1.66
C THR C 26 44.48 17.34 -1.66
N ARG C 27 43.73 16.78 -0.69
CA ARG C 27 43.53 15.34 -0.47
C ARG C 27 42.58 14.69 -1.50
N PHE C 28 41.77 15.51 -2.19
CA PHE C 28 40.75 15.07 -3.16
C PHE C 28 41.29 14.56 -4.47
N HIS C 29 40.53 13.67 -5.13
CA HIS C 29 40.91 13.12 -6.42
C HIS C 29 40.59 14.08 -7.56
N SER C 30 41.54 14.23 -8.50
CA SER C 30 41.34 15.07 -9.66
C SER C 30 40.87 14.16 -10.79
N PHE C 31 39.62 14.36 -11.22
CA PHE C 31 38.99 13.59 -12.28
C PHE C 31 39.06 14.31 -13.61
N SER C 32 39.02 13.54 -14.69
CA SER C 32 38.95 14.05 -16.05
C SER C 32 37.47 14.30 -16.34
N PHE C 33 37.15 15.32 -17.14
CA PHE C 33 35.78 15.66 -17.52
C PHE C 33 35.10 14.50 -18.27
N TYR C 34 35.85 13.79 -19.13
CA TYR C 34 35.33 12.64 -19.89
C TYR C 34 34.92 11.47 -18.98
N GLU C 35 35.61 11.29 -17.84
CA GLU C 35 35.28 10.25 -16.86
C GLU C 35 33.93 10.56 -16.23
N LEU C 36 33.75 11.81 -15.79
CA LEU C 36 32.50 12.26 -15.17
C LEU C 36 31.36 12.36 -16.16
N LYS C 37 31.68 12.62 -17.44
CA LYS C 37 30.72 12.65 -18.54
C LYS C 37 30.20 11.24 -18.78
N ASN C 38 31.09 10.24 -18.81
CA ASN C 38 30.75 8.83 -19.02
C ASN C 38 29.90 8.25 -17.90
N VAL C 39 30.34 8.45 -16.64
CA VAL C 39 29.69 7.92 -15.43
C VAL C 39 28.29 8.54 -15.16
N THR C 40 27.97 9.71 -15.76
CA THR C 40 26.66 10.39 -15.63
C THR C 40 25.81 10.24 -16.91
N ASN C 41 26.22 9.34 -17.85
CA ASN C 41 25.56 9.07 -19.13
C ASN C 41 25.45 10.38 -19.97
N ASN C 42 26.60 11.05 -20.12
CA ASN C 42 26.85 12.33 -20.82
C ASN C 42 26.05 13.45 -20.20
N PHE C 43 26.06 13.50 -18.85
CA PHE C 43 25.33 14.47 -18.01
C PHE C 43 23.84 14.52 -18.41
N ASP C 44 23.20 13.34 -18.35
CA ASP C 44 21.82 13.09 -18.70
C ASP C 44 20.85 13.85 -17.74
N GLU C 45 20.42 15.04 -18.22
CA GLU C 45 19.56 15.97 -17.49
C GLU C 45 18.10 15.50 -17.31
N ARG C 46 17.72 14.32 -17.83
CA ARG C 46 16.37 13.75 -17.62
C ARG C 46 16.25 13.31 -16.15
N PRO C 47 15.04 13.34 -15.55
CA PRO C 47 14.90 12.89 -14.15
C PRO C 47 15.21 11.41 -14.00
N ILE C 48 15.78 11.02 -12.83
CA ILE C 48 16.13 9.64 -12.50
C ILE C 48 14.96 8.65 -12.76
N SER C 49 13.72 9.04 -12.42
CA SER C 49 12.49 8.25 -12.62
C SER C 49 12.17 7.95 -14.09
N VAL C 50 12.59 8.85 -15.00
CA VAL C 50 12.42 8.76 -16.46
C VAL C 50 13.56 7.92 -17.10
N GLY C 51 14.61 7.62 -16.33
CA GLY C 51 15.77 6.85 -16.78
C GLY C 51 17.02 7.68 -16.98
N GLY C 52 16.96 8.94 -16.54
CA GLY C 52 18.06 9.89 -16.62
C GLY C 52 18.94 9.91 -15.39
N ASN C 53 19.76 10.97 -15.26
CA ASN C 53 20.72 11.09 -14.16
C ASN C 53 20.53 12.31 -13.24
N LYS C 54 19.61 13.24 -13.58
CA LYS C 54 19.34 14.46 -12.81
C LYS C 54 18.76 14.18 -11.38
N MET C 55 19.46 14.70 -10.35
CA MET C 55 19.06 14.56 -8.94
C MET C 55 18.42 15.86 -8.38
N GLY C 56 18.90 17.01 -8.85
CA GLY C 56 18.45 18.35 -8.46
C GLY C 56 19.23 19.47 -9.13
N GLU C 57 18.85 20.74 -8.83
CA GLU C 57 19.49 21.97 -9.34
C GLU C 57 19.45 23.11 -8.32
N GLY C 58 20.49 23.94 -8.34
CA GLY C 58 20.68 25.11 -7.47
C GLY C 58 21.05 26.36 -8.21
N GLY C 61 24.39 25.37 -10.42
CA GLY C 61 24.65 24.10 -11.11
C GLY C 61 23.60 23.01 -10.99
N VAL C 62 23.82 21.90 -11.74
CA VAL C 62 22.95 20.70 -11.77
C VAL C 62 23.68 19.52 -11.09
N VAL C 63 22.94 18.73 -10.28
CA VAL C 63 23.45 17.56 -9.54
C VAL C 63 23.05 16.27 -10.29
N TYR C 64 24.06 15.46 -10.69
CA TYR C 64 23.86 14.23 -11.46
C TYR C 64 24.35 12.99 -10.70
N LYS C 65 23.65 11.86 -10.88
CA LYS C 65 24.05 10.57 -10.31
C LYS C 65 25.12 9.95 -11.20
N GLY C 66 26.16 9.42 -10.58
CA GLY C 66 27.28 8.78 -11.27
C GLY C 66 27.72 7.48 -10.63
N TYR C 67 28.44 6.66 -11.40
CA TYR C 67 28.98 5.38 -10.93
C TYR C 67 30.45 5.30 -11.26
N VAL C 68 31.31 5.46 -10.24
CA VAL C 68 32.77 5.44 -10.39
C VAL C 68 33.34 4.28 -9.58
N ASN C 69 34.06 3.35 -10.24
CA ASN C 69 34.62 2.14 -9.62
C ASN C 69 33.38 1.24 -9.38
N ASN C 70 32.99 1.00 -8.11
CA ASN C 70 31.76 0.27 -7.75
C ASN C 70 30.94 1.17 -6.78
N THR C 71 31.26 2.47 -6.80
CA THR C 71 30.71 3.51 -5.95
C THR C 71 29.75 4.46 -6.69
N THR C 72 28.59 4.69 -6.07
CA THR C 72 27.62 5.67 -6.54
C THR C 72 28.11 7.02 -6.02
N VAL C 73 28.11 8.04 -6.88
CA VAL C 73 28.56 9.38 -6.52
C VAL C 73 27.55 10.45 -6.97
N ALA C 74 27.76 11.67 -6.49
CA ALA C 74 26.98 12.83 -6.89
C ALA C 74 27.95 13.76 -7.59
N VAL C 75 27.62 14.17 -8.82
CA VAL C 75 28.46 15.05 -9.61
C VAL C 75 27.72 16.36 -9.85
N LYS C 76 28.23 17.47 -9.26
CA LYS C 76 27.66 18.79 -9.49
C LYS C 76 28.45 19.47 -10.61
N LYS C 77 27.79 19.73 -11.74
CA LYS C 77 28.35 20.43 -12.88
C LYS C 77 27.86 21.88 -12.77
N LEU C 78 28.81 22.82 -12.56
CA LEU C 78 28.50 24.25 -12.39
C LEU C 78 28.29 24.95 -13.74
N ALA C 79 27.30 25.86 -13.80
CA ALA C 79 26.98 26.59 -15.03
C ALA C 79 26.73 28.08 -14.77
N GLU C 88 33.82 34.22 -10.60
CA GLU C 88 32.81 34.27 -9.52
C GLU C 88 32.25 32.87 -9.21
N LEU C 89 31.82 32.12 -10.26
CA LEU C 89 31.38 30.73 -10.17
C LEU C 89 32.64 29.88 -9.84
N LYS C 90 33.80 30.27 -10.42
CA LYS C 90 35.10 29.66 -10.18
C LYS C 90 35.56 29.94 -8.74
N GLN C 91 35.34 31.18 -8.24
CA GLN C 91 35.70 31.58 -6.87
C GLN C 91 34.91 30.73 -5.86
N GLN C 92 33.62 30.44 -6.15
CA GLN C 92 32.75 29.61 -5.32
C GLN C 92 33.19 28.13 -5.35
N PHE C 93 33.71 27.66 -6.52
CA PHE C 93 34.24 26.31 -6.79
C PHE C 93 35.50 26.09 -5.93
N ASP C 94 36.43 27.06 -5.93
CA ASP C 94 37.66 27.00 -5.15
C ASP C 94 37.37 27.09 -3.66
N GLN C 95 36.34 27.88 -3.29
CA GLN C 95 35.96 28.05 -1.89
C GLN C 95 35.33 26.82 -1.31
N GLU C 96 34.56 26.09 -2.14
CA GLU C 96 33.91 24.83 -1.81
C GLU C 96 34.99 23.81 -1.45
N ILE C 97 36.06 23.73 -2.28
CA ILE C 97 37.21 22.84 -2.12
C ILE C 97 38.00 23.24 -0.85
N LYS C 98 38.21 24.56 -0.66
CA LYS C 98 38.94 25.15 0.47
C LYS C 98 38.28 24.83 1.80
N VAL C 99 36.96 25.06 1.92
CA VAL C 99 36.19 24.78 3.13
C VAL C 99 36.12 23.25 3.37
N MET C 100 35.97 22.45 2.28
CA MET C 100 35.88 21.00 2.35
C MET C 100 37.16 20.30 2.77
N ALA C 101 38.30 20.91 2.46
CA ALA C 101 39.61 20.40 2.83
C ALA C 101 39.85 20.58 4.33
N LYS C 102 39.30 21.65 4.91
CA LYS C 102 39.43 21.98 6.33
C LYS C 102 38.33 21.40 7.22
N CYS C 103 37.11 21.24 6.67
CA CYS C 103 35.97 20.80 7.44
C CYS C 103 35.47 19.40 7.10
N GLN C 104 35.79 18.44 7.99
CA GLN C 104 35.37 17.06 7.88
C GLN C 104 34.67 16.69 9.18
N HIS C 105 33.38 16.38 9.07
CA HIS C 105 32.50 16.05 10.19
C HIS C 105 31.38 15.14 9.70
N GLU C 106 30.81 14.32 10.61
CA GLU C 106 29.71 13.38 10.38
C GLU C 106 28.44 14.07 9.85
N ASN C 107 28.29 15.38 10.12
CA ASN C 107 27.11 16.12 9.70
C ASN C 107 27.40 17.16 8.63
N LEU C 108 28.49 16.96 7.87
CA LEU C 108 28.87 17.77 6.71
C LEU C 108 29.09 16.80 5.55
N VAL C 109 28.58 17.13 4.36
CA VAL C 109 28.73 16.31 3.15
C VAL C 109 30.23 16.14 2.81
N GLU C 110 30.63 14.99 2.27
CA GLU C 110 32.04 14.77 1.95
C GLU C 110 32.35 14.92 0.46
N LEU C 111 33.37 15.74 0.14
CA LEU C 111 33.86 15.94 -1.22
C LEU C 111 34.87 14.85 -1.48
N LEU C 112 34.71 14.12 -2.58
CA LEU C 112 35.59 13.03 -2.98
C LEU C 112 36.64 13.51 -3.97
N GLY C 113 36.22 14.44 -4.82
CA GLY C 113 37.07 14.99 -5.85
C GLY C 113 36.42 16.08 -6.67
N PHE C 114 37.10 16.48 -7.76
CA PHE C 114 36.71 17.57 -8.64
C PHE C 114 37.22 17.35 -10.07
N SER C 115 36.74 18.18 -11.03
CA SER C 115 37.20 18.13 -12.42
C SER C 115 37.56 19.52 -12.90
N LEU C 121 33.39 22.98 -14.86
CA LEU C 121 33.74 22.78 -13.46
C LEU C 121 32.81 21.78 -12.79
N CYS C 122 33.38 20.65 -12.32
CA CYS C 122 32.63 19.59 -11.63
C CYS C 122 33.14 19.31 -10.24
N LEU C 123 32.21 19.00 -9.32
CA LEU C 123 32.50 18.64 -7.94
C LEU C 123 31.85 17.30 -7.64
N VAL C 124 32.65 16.35 -7.14
CA VAL C 124 32.22 14.97 -6.86
C VAL C 124 32.09 14.74 -5.34
N TYR C 125 30.95 14.19 -4.92
CA TYR C 125 30.63 13.95 -3.52
C TYR C 125 30.17 12.55 -3.23
N VAL C 126 30.19 12.16 -1.96
CA VAL C 126 29.65 10.88 -1.47
C VAL C 126 28.14 10.95 -1.74
N TYR C 127 27.58 9.89 -2.33
CA TYR C 127 26.16 9.83 -2.67
C TYR C 127 25.24 9.86 -1.45
N MET C 128 24.22 10.73 -1.50
CA MET C 128 23.19 10.93 -0.48
C MET C 128 21.92 10.34 -1.05
N PRO C 129 21.62 9.06 -0.71
CA PRO C 129 20.44 8.39 -1.28
C PRO C 129 19.08 9.06 -1.01
N ASN C 130 18.98 9.77 0.12
CA ASN C 130 17.71 10.36 0.49
C ASN C 130 17.58 11.84 0.17
N GLY C 131 18.47 12.35 -0.68
CA GLY C 131 18.48 13.72 -1.19
C GLY C 131 18.45 14.81 -0.15
N SER C 132 17.68 15.88 -0.41
CA SER C 132 17.60 17.00 0.52
C SER C 132 16.40 16.92 1.46
N LEU C 133 16.50 17.61 2.63
CA LEU C 133 15.45 17.71 3.63
C LEU C 133 14.21 18.40 3.04
N LEU C 134 14.40 19.37 2.15
CA LEU C 134 13.32 20.08 1.45
C LEU C 134 12.45 19.08 0.68
N ASP C 135 13.09 18.20 -0.10
CA ASP C 135 12.42 17.22 -0.94
C ASP C 135 11.73 16.15 -0.13
N ARG C 136 12.31 15.80 1.03
CA ARG C 136 11.71 14.79 1.90
C ARG C 136 10.52 15.35 2.66
N LEU C 137 10.55 16.67 2.96
CA LEU C 137 9.44 17.35 3.63
C LEU C 137 8.28 17.54 2.65
N SER C 138 8.57 17.70 1.35
CA SER C 138 7.52 17.84 0.34
C SER C 138 7.09 16.49 -0.24
N CYS C 139 7.79 15.38 0.14
CA CYS C 139 7.59 14.00 -0.31
C CYS C 139 7.72 13.91 -1.84
N LEU C 140 8.72 14.62 -2.38
CA LEU C 140 9.03 14.66 -3.81
C LEU C 140 9.35 13.26 -4.33
N ASP C 141 8.74 12.90 -5.46
CA ASP C 141 8.85 11.61 -6.17
C ASP C 141 8.14 10.47 -5.43
N GLY C 142 7.24 10.84 -4.51
CA GLY C 142 6.41 9.93 -3.76
C GLY C 142 7.03 9.23 -2.58
N THR C 143 8.11 9.81 -2.01
CA THR C 143 8.80 9.24 -0.85
C THR C 143 7.87 9.35 0.37
N PRO C 144 7.86 8.40 1.34
CA PRO C 144 6.90 8.52 2.44
C PRO C 144 7.21 9.71 3.36
N PRO C 145 6.19 10.31 4.02
CA PRO C 145 6.47 11.43 4.92
C PRO C 145 7.43 11.03 6.04
N LEU C 146 8.34 11.93 6.45
CA LEU C 146 9.32 11.67 7.52
C LEU C 146 8.57 11.67 8.84
N SER C 147 8.90 10.70 9.68
CA SER C 147 8.30 10.58 10.99
C SER C 147 8.90 11.67 11.87
N TRP C 148 8.23 11.99 12.98
CA TRP C 148 8.72 12.96 13.95
C TRP C 148 10.07 12.49 14.55
N HIS C 149 10.20 11.18 14.80
CA HIS C 149 11.40 10.52 15.30
C HIS C 149 12.60 10.84 14.36
N MET C 150 12.43 10.65 13.05
N MET C 150 12.41 10.64 13.04
CA MET C 150 13.45 10.96 12.07
CA MET C 150 13.37 10.93 11.97
C MET C 150 13.75 12.46 12.03
C MET C 150 13.72 12.43 11.97
N ARG C 151 12.69 13.28 12.07
CA ARG C 151 12.79 14.76 12.09
C ARG C 151 13.65 15.31 13.25
N CYS C 152 13.57 14.67 14.43
CA CYS C 152 14.36 15.02 15.62
C CYS C 152 15.85 14.73 15.45
N LYS C 153 16.18 13.57 14.87
CA LYS C 153 17.54 13.15 14.55
C LYS C 153 18.17 14.11 13.51
N ILE C 154 17.37 14.49 12.48
CA ILE C 154 17.78 15.41 11.43
C ILE C 154 18.12 16.80 12.00
N ALA C 155 17.25 17.35 12.85
CA ALA C 155 17.42 18.64 13.52
C ALA C 155 18.68 18.65 14.38
N GLN C 156 18.88 17.58 15.18
CA GLN C 156 20.06 17.41 16.04
C GLN C 156 21.33 17.32 15.20
N GLY C 157 21.32 16.49 14.16
CA GLY C 157 22.45 16.33 13.25
C GLY C 157 22.81 17.63 12.58
N ALA C 158 21.81 18.34 12.02
CA ALA C 158 22.03 19.63 11.36
C ALA C 158 22.65 20.65 12.35
N ALA C 159 22.18 20.66 13.62
CA ALA C 159 22.73 21.54 14.66
C ALA C 159 24.20 21.22 14.95
N ASN C 160 24.56 19.90 14.98
CA ASN C 160 25.94 19.44 15.18
C ASN C 160 26.85 19.86 14.02
N GLY C 161 26.33 19.84 12.80
CA GLY C 161 27.05 20.28 11.60
C GLY C 161 27.35 21.77 11.64
N ILE C 162 26.37 22.61 12.02
CA ILE C 162 26.53 24.07 12.16
C ILE C 162 27.51 24.39 13.29
N ASN C 163 27.43 23.62 14.40
CA ASN C 163 28.33 23.77 15.54
C ASN C 163 29.78 23.54 15.14
N PHE C 164 30.04 22.50 14.33
CA PHE C 164 31.38 22.23 13.81
C PHE C 164 31.87 23.44 13.01
N LEU C 165 31.02 23.95 12.10
CA LEU C 165 31.34 25.10 11.25
C LEU C 165 31.68 26.35 12.05
N HIS C 166 30.86 26.68 13.06
CA HIS C 166 31.03 27.84 13.93
C HIS C 166 32.26 27.70 14.85
N GLU C 167 32.54 26.47 15.37
CA GLU C 167 33.71 26.16 16.20
C GLU C 167 34.99 26.36 15.39
N ASN C 168 34.89 26.11 14.08
CA ASN C 168 35.98 26.23 13.12
C ASN C 168 35.98 27.60 12.42
N HIS C 169 35.23 28.57 12.98
CA HIS C 169 35.11 29.97 12.54
C HIS C 169 34.67 30.13 11.08
N HIS C 170 33.59 29.43 10.72
CA HIS C 170 32.97 29.50 9.40
C HIS C 170 31.50 29.87 9.52
N ILE C 171 31.09 30.83 8.69
CA ILE C 171 29.69 31.28 8.58
C ILE C 171 29.24 30.67 7.26
N HIS C 172 28.21 29.80 7.31
CA HIS C 172 27.70 29.12 6.13
C HIS C 172 27.09 30.10 5.11
N ARG C 173 26.21 31.01 5.58
CA ARG C 173 25.52 32.09 4.84
C ARG C 173 24.34 31.62 3.94
N ASP C 174 24.06 30.31 3.91
CA ASP C 174 22.94 29.76 3.13
C ASP C 174 22.33 28.51 3.78
N ILE C 175 22.07 28.57 5.10
CA ILE C 175 21.42 27.48 5.83
C ILE C 175 19.96 27.47 5.40
N LYS C 176 19.57 26.35 4.78
CA LYS C 176 18.22 26.08 4.30
C LYS C 176 18.04 24.57 4.16
N SER C 177 16.78 24.11 4.13
CA SER C 177 16.45 22.68 4.01
C SER C 177 16.90 22.04 2.67
N ALA C 178 17.12 22.84 1.62
CA ALA C 178 17.63 22.34 0.32
C ALA C 178 19.14 21.98 0.43
N ASN C 179 19.87 22.64 1.37
CA ASN C 179 21.30 22.43 1.63
C ASN C 179 21.58 21.43 2.75
N ILE C 180 20.52 20.84 3.34
CA ILE C 180 20.67 19.80 4.35
C ILE C 180 20.35 18.50 3.65
N LEU C 181 21.40 17.69 3.38
CA LEU C 181 21.25 16.41 2.68
C LEU C 181 21.10 15.24 3.63
N LEU C 182 20.48 14.16 3.13
CA LEU C 182 20.18 12.97 3.93
C LEU C 182 20.79 11.70 3.33
N ASP C 183 21.61 11.01 4.13
CA ASP C 183 22.24 9.77 3.69
C ASP C 183 21.30 8.55 3.86
N GLU C 184 21.84 7.34 3.65
CA GLU C 184 21.20 6.03 3.80
C GLU C 184 20.52 5.80 5.17
N ALA C 185 21.04 6.42 6.26
CA ALA C 185 20.46 6.31 7.60
C ALA C 185 19.67 7.57 7.99
N PHE C 186 19.45 8.48 7.02
CA PHE C 186 18.77 9.78 7.17
C PHE C 186 19.53 10.69 8.15
N THR C 187 20.88 10.59 8.12
CA THR C 187 21.80 11.42 8.90
C THR C 187 21.89 12.73 8.12
N ALA C 188 21.68 13.86 8.81
CA ALA C 188 21.73 15.20 8.25
C ALA C 188 23.18 15.57 7.88
N LYS C 189 23.40 16.00 6.63
CA LYS C 189 24.72 16.40 6.13
C LYS C 189 24.60 17.79 5.49
N ILE C 190 25.18 18.82 6.11
CA ILE C 190 25.18 20.19 5.58
C ILE C 190 26.06 20.27 4.33
N SER C 191 25.55 20.95 3.29
CA SER C 191 26.20 21.13 1.99
C SER C 191 26.19 22.59 1.57
N ASP C 192 26.82 22.91 0.41
CA ASP C 192 26.93 24.22 -0.24
C ASP C 192 27.68 25.23 0.63
N PHE C 193 29.00 25.24 0.50
CA PHE C 193 29.92 26.10 1.24
C PHE C 193 30.61 27.08 0.28
N GLY C 194 30.06 27.24 -0.92
CA GLY C 194 30.58 28.11 -1.97
C GLY C 194 30.62 29.58 -1.61
N LEU C 195 29.62 30.01 -0.81
CA LEU C 195 29.44 31.38 -0.32
C LEU C 195 29.91 31.56 1.13
N ALA C 196 30.39 30.46 1.79
CA ALA C 196 30.85 30.47 3.19
C ALA C 196 31.94 31.50 3.49
N ARG C 197 31.98 32.03 4.73
CA ARG C 197 32.96 33.04 5.13
C ARG C 197 33.72 32.69 6.41
N ALA C 198 35.03 33.00 6.44
CA ALA C 198 35.89 32.77 7.60
C ALA C 198 35.78 33.94 8.58
N MET C 207 30.46 43.66 7.31
CA MET C 207 29.48 44.06 6.29
C MET C 207 30.00 43.87 4.85
N TPO C 208 29.07 43.54 3.90
CA TPO C 208 29.37 43.29 2.49
CB TPO C 208 29.26 41.76 2.10
CG2 TPO C 208 27.87 41.11 2.35
OG1 TPO C 208 29.67 41.54 0.72
P TPO C 208 31.18 41.24 0.41
O1P TPO C 208 32.16 41.21 1.61
O2P TPO C 208 31.67 42.28 -0.60
O3P TPO C 208 31.20 39.86 -0.24
C TPO C 208 28.56 44.11 1.47
O TPO C 208 27.39 44.44 1.72
N SER C 209 29.17 44.38 0.29
CA SER C 209 28.58 45.09 -0.85
C SER C 209 27.63 44.15 -1.63
N ARG C 210 27.98 42.84 -1.68
CA ARG C 210 27.20 41.80 -2.35
C ARG C 210 26.42 40.95 -1.32
N ILE C 211 25.11 41.25 -1.17
CA ILE C 211 24.22 40.53 -0.25
C ILE C 211 23.78 39.23 -0.93
N VAL C 212 24.09 38.06 -0.30
CA VAL C 212 23.77 36.74 -0.84
C VAL C 212 23.06 35.83 0.19
N GLY C 213 22.29 34.88 -0.33
CA GLY C 213 21.52 33.90 0.44
C GLY C 213 20.11 33.73 -0.10
N THR C 214 19.29 32.96 0.64
CA THR C 214 17.89 32.71 0.28
C THR C 214 16.99 33.55 1.20
N THR C 215 16.39 34.59 0.62
CA THR C 215 15.54 35.63 1.23
C THR C 215 14.61 35.12 2.34
N ALA C 216 13.85 34.05 2.07
CA ALA C 216 12.90 33.44 3.00
C ALA C 216 13.52 32.88 4.30
N TYR C 217 14.83 32.61 4.28
CA TYR C 217 15.60 32.06 5.40
C TYR C 217 16.48 33.08 6.10
N MET C 218 16.80 34.18 5.41
CA MET C 218 17.70 35.23 5.88
C MET C 218 17.18 36.08 7.04
N ALA C 219 18.12 36.40 7.94
CA ALA C 219 17.95 37.28 9.10
C ALA C 219 17.91 38.73 8.62
N PRO C 220 17.22 39.65 9.35
CA PRO C 220 17.18 41.05 8.90
C PRO C 220 18.55 41.69 8.67
N GLU C 221 19.55 41.41 9.54
CA GLU C 221 20.89 41.99 9.40
C GLU C 221 21.64 41.41 8.19
N ALA C 222 21.33 40.15 7.81
CA ALA C 222 21.93 39.48 6.65
C ALA C 222 21.39 40.13 5.38
N LEU C 223 20.08 40.46 5.36
CA LEU C 223 19.42 41.15 4.26
C LEU C 223 19.95 42.57 4.10
N ARG C 224 20.58 43.09 5.18
CA ARG C 224 21.19 44.43 5.23
C ARG C 224 22.68 44.46 4.90
N GLY C 225 23.29 43.28 4.81
CA GLY C 225 24.70 43.16 4.46
C GLY C 225 25.66 42.69 5.54
N GLU C 226 25.17 42.41 6.76
CA GLU C 226 26.03 41.94 7.85
C GLU C 226 26.40 40.49 7.67
N ILE C 227 27.67 40.16 7.93
CA ILE C 227 28.20 38.79 7.88
C ILE C 227 28.49 38.40 9.33
N THR C 228 27.63 37.53 9.90
CA THR C 228 27.73 37.08 11.28
C THR C 228 27.18 35.66 11.44
N PRO C 229 27.76 34.81 12.34
CA PRO C 229 27.19 33.46 12.55
C PRO C 229 25.78 33.50 13.17
N LYS C 230 25.43 34.65 13.77
CA LYS C 230 24.13 34.93 14.37
C LYS C 230 23.04 34.84 13.29
N SER C 231 23.41 35.13 12.02
CA SER C 231 22.51 35.04 10.87
C SER C 231 22.18 33.56 10.55
N ASP C 232 23.16 32.64 10.77
CA ASP C 232 23.02 31.21 10.52
C ASP C 232 22.02 30.60 11.49
N ILE C 233 22.04 31.09 12.75
CA ILE C 233 21.11 30.68 13.80
C ILE C 233 19.68 30.97 13.37
N TYR C 234 19.41 32.21 12.89
CA TYR C 234 18.10 32.64 12.41
C TYR C 234 17.56 31.67 11.35
N SER C 235 18.37 31.43 10.28
CA SER C 235 18.07 30.54 9.16
C SER C 235 17.73 29.11 9.59
N PHE C 236 18.41 28.61 10.64
CA PHE C 236 18.16 27.29 11.21
C PHE C 236 16.79 27.28 11.90
N GLY C 237 16.39 28.41 12.51
CA GLY C 237 15.08 28.59 13.11
C GLY C 237 13.97 28.39 12.09
N VAL C 238 14.18 28.89 10.85
CA VAL C 238 13.26 28.71 9.71
C VAL C 238 13.23 27.24 9.36
N VAL C 239 14.43 26.59 9.29
CA VAL C 239 14.57 25.15 9.00
C VAL C 239 13.74 24.35 10.03
N LEU C 240 13.86 24.67 11.33
CA LEU C 240 13.08 24.00 12.39
C LEU C 240 11.57 24.18 12.21
N LEU C 241 11.14 25.34 11.69
CA LEU C 241 9.71 25.58 11.41
C LEU C 241 9.25 24.69 10.26
N GLU C 242 10.12 24.47 9.26
CA GLU C 242 9.84 23.58 8.12
C GLU C 242 9.71 22.13 8.60
N ILE C 243 10.57 21.71 9.54
CA ILE C 243 10.55 20.36 10.12
C ILE C 243 9.25 20.12 10.90
N ILE C 244 8.80 21.10 11.71
CA ILE C 244 7.56 21.00 12.51
C ILE C 244 6.29 20.97 11.64
N THR C 245 6.19 21.89 10.66
CA THR C 245 5.02 22.12 9.82
C THR C 245 4.97 21.36 8.50
N GLY C 246 6.12 21.01 7.94
CA GLY C 246 6.25 20.36 6.64
C GLY C 246 5.98 21.35 5.51
N LEU C 247 5.90 22.65 5.86
CA LEU C 247 5.61 23.74 4.93
C LEU C 247 6.90 24.37 4.39
N PRO C 248 6.94 24.76 3.09
CA PRO C 248 8.15 25.42 2.57
C PRO C 248 8.30 26.84 3.12
N ALA C 249 9.54 27.35 3.31
CA ALA C 249 9.80 28.70 3.86
C ALA C 249 9.08 29.81 3.12
N VAL C 250 8.89 29.64 1.80
CA VAL C 250 8.16 30.56 0.94
C VAL C 250 7.21 29.78 0.00
N ASP C 251 5.99 30.28 -0.14
CA ASP C 251 4.97 29.74 -1.04
C ASP C 251 4.16 30.94 -1.52
N GLU C 252 4.30 31.27 -2.82
CA GLU C 252 3.63 32.39 -3.50
C GLU C 252 2.10 32.31 -3.43
N HIS C 253 1.54 31.08 -3.42
CA HIS C 253 0.10 30.81 -3.35
C HIS C 253 -0.37 30.50 -1.91
N ARG C 254 0.30 31.11 -0.89
CA ARG C 254 -0.03 30.87 0.52
C ARG C 254 -0.19 32.15 1.33
N GLU C 255 -0.95 32.09 2.43
CA GLU C 255 -1.16 33.18 3.38
C GLU C 255 -0.89 32.66 4.81
N PRO C 256 0.23 33.01 5.48
CA PRO C 256 1.32 33.92 5.03
C PRO C 256 2.27 33.26 4.04
N GLN C 257 2.77 34.06 3.07
CA GLN C 257 3.69 33.62 2.03
C GLN C 257 4.99 33.12 2.66
N LEU C 258 5.46 33.81 3.71
CA LEU C 258 6.68 33.47 4.44
C LEU C 258 6.36 32.72 5.71
N LEU C 259 6.99 31.56 5.90
CA LEU C 259 6.82 30.68 7.05
C LEU C 259 7.18 31.35 8.38
N LEU C 260 8.26 32.17 8.42
CA LEU C 260 8.69 32.88 9.65
C LEU C 260 7.58 33.77 10.25
N ASP C 261 6.56 34.16 9.43
CA ASP C 261 5.42 34.97 9.84
C ASP C 261 4.42 34.20 10.75
N ILE C 262 4.56 32.86 10.87
CA ILE C 262 3.68 32.06 11.74
C ILE C 262 4.02 32.26 13.23
N LYS C 263 5.28 32.69 13.52
CA LYS C 263 5.78 32.95 14.86
C LYS C 263 4.98 34.10 15.51
N GLU C 264 4.61 35.10 14.68
CA GLU C 264 3.82 36.28 15.07
C GLU C 264 2.38 35.87 15.43
N GLU C 265 1.80 34.97 14.62
CA GLU C 265 0.44 34.42 14.77
C GLU C 265 0.29 33.67 16.08
N ILE C 266 1.29 32.84 16.43
CA ILE C 266 1.36 32.05 17.65
C ILE C 266 1.50 32.98 18.86
N GLU C 267 2.29 34.06 18.70
CA GLU C 267 2.48 35.06 19.76
C GLU C 267 1.27 36.01 19.93
N ASP C 268 0.34 36.04 18.94
CA ASP C 268 -0.88 36.86 18.97
C ASP C 268 -2.16 36.02 18.75
N THR C 272 -2.12 28.68 17.43
CA THR C 272 -1.16 27.87 18.20
C THR C 272 -0.26 26.99 17.29
N ILE C 273 0.86 26.47 17.87
CA ILE C 273 1.81 25.61 17.15
C ILE C 273 1.15 24.28 16.71
N GLU C 274 0.17 23.77 17.51
CA GLU C 274 -0.61 22.55 17.26
C GLU C 274 -1.36 22.64 15.93
N ASP C 275 -1.87 23.83 15.59
CA ASP C 275 -2.59 24.08 14.33
C ASP C 275 -1.65 23.98 13.12
N TYR C 276 -0.35 24.20 13.35
CA TYR C 276 0.65 24.20 12.30
C TYR C 276 1.45 22.91 12.16
N ILE C 277 1.44 22.01 13.17
CA ILE C 277 2.15 20.71 13.11
C ILE C 277 1.77 19.96 11.84
N ASP C 278 2.77 19.40 11.16
CA ASP C 278 2.60 18.61 9.95
C ASP C 278 1.67 17.45 10.26
N LYS C 279 0.55 17.41 9.53
CA LYS C 279 -0.50 16.38 9.66
C LYS C 279 -0.08 15.05 9.05
N LYS C 280 1.02 15.06 8.27
CA LYS C 280 1.58 13.85 7.65
C LYS C 280 2.50 13.08 8.62
N MET C 281 2.20 13.09 9.92
CA MET C 281 2.95 12.38 10.95
C MET C 281 1.95 11.74 11.88
N ASN C 282 2.30 10.59 12.47
CA ASN C 282 1.45 9.95 13.47
C ASN C 282 2.21 9.65 14.79
N ASP C 283 3.47 10.11 14.91
CA ASP C 283 4.34 9.85 16.06
C ASP C 283 4.80 11.12 16.78
N ALA C 284 4.24 12.27 16.41
CA ALA C 284 4.61 13.53 17.03
C ALA C 284 3.88 13.75 18.35
N ASP C 285 4.62 14.06 19.40
CA ASP C 285 4.02 14.36 20.70
C ASP C 285 4.19 15.85 20.94
N SER C 286 3.15 16.48 21.49
CA SER C 286 3.11 17.91 21.81
C SER C 286 4.32 18.42 22.63
N THR C 287 4.78 17.64 23.61
CA THR C 287 5.91 17.99 24.47
C THR C 287 7.19 18.25 23.65
N SER C 288 7.63 17.27 22.83
CA SER C 288 8.83 17.44 22.00
C SER C 288 8.62 18.48 20.88
N VAL C 289 7.42 18.52 20.25
CA VAL C 289 7.10 19.53 19.21
C VAL C 289 7.22 20.95 19.79
N GLU C 290 6.59 21.23 20.95
CA GLU C 290 6.66 22.52 21.66
C GLU C 290 8.12 22.87 22.03
N ALA C 291 8.91 21.87 22.46
CA ALA C 291 10.31 22.03 22.80
C ALA C 291 11.15 22.46 21.57
N MET C 292 10.88 21.85 20.37
CA MET C 292 11.58 22.22 19.12
C MET C 292 11.14 23.61 18.67
N TYR C 293 9.85 23.92 18.88
CA TYR C 293 9.28 25.23 18.55
C TYR C 293 9.93 26.31 19.40
N SER C 294 10.20 26.01 20.69
CA SER C 294 10.85 26.92 21.64
C SER C 294 12.25 27.29 21.13
N VAL C 295 12.98 26.29 20.61
CA VAL C 295 14.34 26.44 20.03
C VAL C 295 14.26 27.35 18.79
N ALA C 296 13.31 27.05 17.88
CA ALA C 296 13.08 27.79 16.64
C ALA C 296 12.71 29.25 16.94
N SER C 297 11.81 29.46 17.93
CA SER C 297 11.35 30.77 18.39
C SER C 297 12.53 31.63 18.85
N GLN C 298 13.43 31.04 19.68
CA GLN C 298 14.66 31.67 20.19
C GLN C 298 15.61 32.01 19.03
N CYS C 299 15.75 31.09 18.05
CA CYS C 299 16.59 31.26 16.85
C CYS C 299 16.12 32.44 16.02
N LEU C 300 14.78 32.61 15.92
CA LEU C 300 14.10 33.60 15.11
C LEU C 300 13.90 34.95 15.79
N HIS C 301 14.64 35.21 16.88
CA HIS C 301 14.58 36.50 17.55
C HIS C 301 15.12 37.51 16.55
N GLU C 302 14.33 38.54 16.28
CA GLU C 302 14.58 39.62 15.33
C GLU C 302 15.86 40.44 15.63
N LYS C 303 16.38 40.33 16.86
CA LYS C 303 17.58 41.02 17.34
C LYS C 303 18.70 39.99 17.51
N LYS C 304 19.70 40.02 16.61
CA LYS C 304 20.88 39.14 16.50
C LYS C 304 21.55 38.73 17.83
N ASN C 305 21.68 39.66 18.77
CA ASN C 305 22.33 39.38 20.05
C ASN C 305 21.42 38.68 21.08
N LYS C 306 20.09 38.66 20.83
CA LYS C 306 19.11 37.99 21.69
C LYS C 306 18.84 36.54 21.24
N ARG C 307 19.51 36.10 20.16
CA ARG C 307 19.44 34.74 19.65
C ARG C 307 20.44 33.87 20.42
N PRO C 308 20.17 32.56 20.64
CA PRO C 308 21.19 31.74 21.32
C PRO C 308 22.30 31.33 20.35
N ASP C 309 23.50 30.98 20.86
CA ASP C 309 24.58 30.51 19.99
C ASP C 309 24.27 29.04 19.60
N ILE C 310 24.97 28.49 18.59
CA ILE C 310 24.73 27.11 18.12
C ILE C 310 24.90 26.06 19.25
N LYS C 311 25.84 26.28 20.20
CA LYS C 311 26.07 25.38 21.33
C LYS C 311 24.82 25.24 22.20
N LYS C 312 24.12 26.38 22.47
CA LYS C 312 22.87 26.39 23.24
C LYS C 312 21.77 25.65 22.46
N VAL C 313 21.65 25.91 21.13
CA VAL C 313 20.71 25.25 20.23
C VAL C 313 20.91 23.70 20.31
N GLN C 314 22.16 23.27 20.15
CA GLN C 314 22.60 21.87 20.18
C GLN C 314 22.22 21.19 21.51
N GLN C 315 22.40 21.91 22.64
CA GLN C 315 22.06 21.43 23.98
C GLN C 315 20.54 21.31 24.13
N LEU C 316 19.80 22.34 23.69
CA LEU C 316 18.34 22.38 23.76
C LEU C 316 17.68 21.26 22.95
N LEU C 317 18.24 20.95 21.76
CA LEU C 317 17.74 19.85 20.91
C LEU C 317 18.12 18.49 21.49
N GLN C 318 19.24 18.42 22.26
CA GLN C 318 19.68 17.21 22.99
C GLN C 318 18.72 16.95 24.15
N GLU C 319 18.42 18.00 24.97
CA GLU C 319 17.50 17.93 26.12
C GLU C 319 16.06 17.52 25.72
N MET C 320 15.74 17.67 24.43
CA MET C 320 14.47 17.34 23.81
C MET C 320 14.30 15.81 23.65
N THR C 321 15.41 15.06 23.66
CA THR C 321 15.43 13.61 23.53
C THR C 321 15.68 12.93 24.90
N PHE D 28 -33.89 -14.38 -27.09
CA PHE D 28 -32.48 -14.01 -27.25
C PHE D 28 -32.24 -13.17 -28.49
N HIS D 29 -31.12 -12.41 -28.48
CA HIS D 29 -30.67 -11.61 -29.61
C HIS D 29 -29.92 -12.50 -30.61
N SER D 30 -30.11 -12.25 -31.90
CA SER D 30 -29.40 -12.97 -32.94
C SER D 30 -28.25 -12.07 -33.37
N PHE D 31 -27.01 -12.47 -33.07
CA PHE D 31 -25.81 -11.70 -33.44
C PHE D 31 -25.18 -12.25 -34.70
N SER D 32 -24.51 -11.37 -35.48
CA SER D 32 -23.77 -11.79 -36.66
C SER D 32 -22.36 -12.13 -36.18
N PHE D 33 -21.73 -13.17 -36.75
CA PHE D 33 -20.38 -13.61 -36.41
C PHE D 33 -19.36 -12.47 -36.54
N TYR D 34 -19.50 -11.64 -37.59
CA TYR D 34 -18.64 -10.50 -37.90
C TYR D 34 -18.77 -9.34 -36.91
N GLU D 35 -19.95 -9.19 -36.25
CA GLU D 35 -20.16 -8.17 -35.21
C GLU D 35 -19.40 -8.61 -33.97
N LEU D 36 -19.50 -9.92 -33.66
CA LEU D 36 -18.83 -10.54 -32.52
C LEU D 36 -17.33 -10.61 -32.76
N LYS D 37 -16.91 -10.74 -34.03
CA LYS D 37 -15.51 -10.76 -34.47
C LYS D 37 -14.88 -9.38 -34.19
N ASN D 38 -15.59 -8.30 -34.57
CA ASN D 38 -15.18 -6.91 -34.37
C ASN D 38 -15.09 -6.44 -32.91
N VAL D 39 -16.16 -6.66 -32.10
CA VAL D 39 -16.20 -6.18 -30.70
C VAL D 39 -15.14 -6.89 -29.83
N THR D 40 -14.57 -8.02 -30.32
CA THR D 40 -13.56 -8.82 -29.61
C THR D 40 -12.15 -8.70 -30.22
N ASN D 41 -11.90 -7.67 -31.08
CA ASN D 41 -10.62 -7.41 -31.76
C ASN D 41 -10.00 -8.64 -32.43
N ASP D 44 -9.24 -11.98 -30.34
CA ASP D 44 -7.89 -11.84 -29.81
C ASP D 44 -7.64 -12.71 -28.57
N GLU D 45 -6.67 -13.63 -28.67
CA GLU D 45 -6.32 -14.60 -27.62
C GLU D 45 -5.27 -14.10 -26.59
N ARG D 46 -4.92 -12.80 -26.61
CA ARG D 46 -4.01 -12.22 -25.63
C ARG D 46 -4.78 -12.01 -24.32
N PRO D 47 -4.19 -12.23 -23.12
CA PRO D 47 -4.95 -12.04 -21.87
C PRO D 47 -5.46 -10.62 -21.62
N LYS D 54 -9.22 -11.99 -24.44
CA LYS D 54 -9.34 -13.28 -23.76
C LYS D 54 -9.53 -13.07 -22.26
N MET D 55 -10.48 -13.80 -21.69
CA MET D 55 -10.89 -13.80 -20.29
C MET D 55 -10.64 -15.15 -19.60
N GLY D 56 -10.69 -16.23 -20.37
CA GLY D 56 -10.47 -17.60 -19.91
C GLY D 56 -10.72 -18.65 -20.98
N GLU D 57 -10.50 -19.94 -20.64
CA GLU D 57 -10.71 -21.11 -21.52
C GLU D 57 -11.18 -22.34 -20.72
N GLY D 58 -12.05 -23.13 -21.33
CA GLY D 58 -12.59 -24.35 -20.73
C GLY D 58 -14.08 -24.52 -20.98
N GLY D 61 -14.64 -24.00 -25.23
CA GLY D 61 -13.93 -23.01 -26.04
C GLY D 61 -13.21 -21.93 -25.26
N VAL D 62 -13.04 -20.74 -25.89
CA VAL D 62 -12.35 -19.56 -25.32
C VAL D 62 -13.38 -18.44 -25.05
N VAL D 63 -13.23 -17.75 -23.90
CA VAL D 63 -14.12 -16.64 -23.46
C VAL D 63 -13.44 -15.31 -23.76
N TYR D 64 -14.10 -14.44 -24.57
CA TYR D 64 -13.57 -13.13 -24.99
C TYR D 64 -14.43 -11.96 -24.53
N LYS D 65 -13.79 -10.83 -24.23
CA LYS D 65 -14.49 -9.60 -23.85
C LYS D 65 -14.99 -8.88 -25.12
N GLY D 66 -16.25 -8.46 -25.11
CA GLY D 66 -16.91 -7.72 -26.20
C GLY D 66 -17.63 -6.49 -25.67
N TYR D 67 -18.38 -5.76 -26.54
CA TYR D 67 -19.08 -4.55 -26.07
C TYR D 67 -20.61 -4.53 -26.34
N VAL D 68 -21.05 -4.39 -27.62
CA VAL D 68 -22.47 -4.34 -28.02
C VAL D 68 -23.23 -3.21 -27.32
N THR D 72 -20.80 -3.93 -22.54
CA THR D 72 -19.75 -4.89 -22.14
C THR D 72 -20.35 -6.28 -22.02
N VAL D 73 -19.79 -7.22 -22.79
CA VAL D 73 -20.33 -8.56 -22.96
C VAL D 73 -19.24 -9.66 -22.97
N ALA D 74 -19.64 -10.94 -22.73
CA ALA D 74 -18.72 -12.09 -22.76
C ALA D 74 -19.11 -12.93 -23.95
N VAL D 75 -18.13 -13.26 -24.81
CA VAL D 75 -18.38 -14.06 -26.01
C VAL D 75 -17.58 -15.35 -25.92
N LYS D 76 -18.28 -16.49 -25.81
CA LYS D 76 -17.63 -17.79 -25.81
C LYS D 76 -17.65 -18.34 -27.22
N LYS D 77 -16.46 -18.50 -27.84
CA LYS D 77 -16.29 -19.06 -29.17
C LYS D 77 -15.88 -20.51 -28.97
N LEU D 78 -16.73 -21.46 -29.39
CA LEU D 78 -16.49 -22.89 -29.23
C LEU D 78 -15.61 -23.42 -30.37
N PHE D 93 -23.85 -26.71 -27.35
CA PHE D 93 -24.28 -25.39 -27.85
C PHE D 93 -25.80 -25.27 -27.82
N ASP D 94 -26.51 -26.22 -28.44
CA ASP D 94 -27.98 -26.24 -28.49
C ASP D 94 -28.58 -26.48 -27.11
N GLN D 95 -27.92 -27.33 -26.29
CA GLN D 95 -28.34 -27.66 -24.93
C GLN D 95 -28.16 -26.43 -24.02
N GLU D 96 -27.10 -25.64 -24.26
CA GLU D 96 -26.80 -24.41 -23.52
C GLU D 96 -27.92 -23.39 -23.73
N ILE D 97 -28.40 -23.27 -24.99
CA ILE D 97 -29.48 -22.38 -25.41
C ILE D 97 -30.81 -22.88 -24.85
N LYS D 98 -31.05 -24.20 -24.92
CA LYS D 98 -32.26 -24.89 -24.43
C LYS D 98 -32.46 -24.67 -22.91
N VAL D 99 -31.40 -24.90 -22.12
CA VAL D 99 -31.42 -24.72 -20.67
C VAL D 99 -31.55 -23.23 -20.30
N MET D 100 -30.80 -22.34 -20.97
CA MET D 100 -30.84 -20.91 -20.68
C MET D 100 -32.15 -20.23 -21.08
N ALA D 101 -32.90 -20.80 -22.05
CA ALA D 101 -34.20 -20.27 -22.45
C ALA D 101 -35.24 -20.56 -21.39
N LYS D 102 -35.10 -21.69 -20.68
CA LYS D 102 -36.01 -22.14 -19.63
C LYS D 102 -35.61 -21.65 -18.23
N CYS D 103 -34.29 -21.50 -17.98
CA CYS D 103 -33.77 -21.16 -16.67
C CYS D 103 -33.21 -19.76 -16.56
N GLN D 104 -33.98 -18.87 -15.92
CA GLN D 104 -33.62 -17.48 -15.67
C GLN D 104 -33.78 -17.25 -14.16
N HIS D 105 -32.65 -16.98 -13.50
CA HIS D 105 -32.58 -16.78 -12.05
C HIS D 105 -31.41 -15.86 -11.73
N GLU D 106 -31.51 -15.19 -10.56
CA GLU D 106 -30.58 -14.27 -9.91
C GLU D 106 -29.17 -14.88 -9.76
N ASN D 107 -29.10 -16.22 -9.65
CA ASN D 107 -27.86 -16.96 -9.40
C ASN D 107 -27.46 -17.89 -10.54
N LEU D 108 -27.93 -17.58 -11.76
CA LEU D 108 -27.56 -18.28 -13.00
C LEU D 108 -27.12 -17.21 -13.99
N VAL D 109 -26.07 -17.47 -14.79
CA VAL D 109 -25.60 -16.51 -15.81
C VAL D 109 -26.67 -16.30 -16.84
N GLU D 110 -26.79 -15.07 -17.36
CA GLU D 110 -27.77 -14.79 -18.38
C GLU D 110 -27.16 -14.81 -19.78
N LEU D 111 -27.78 -15.58 -20.68
CA LEU D 111 -27.42 -15.65 -22.08
C LEU D 111 -28.18 -14.52 -22.77
N LEU D 112 -27.45 -13.70 -23.53
CA LEU D 112 -28.00 -12.56 -24.25
C LEU D 112 -28.34 -12.93 -25.68
N GLY D 113 -27.56 -13.85 -26.24
CA GLY D 113 -27.74 -14.32 -27.61
C GLY D 113 -26.73 -15.33 -28.08
N PHE D 114 -26.78 -15.64 -29.38
CA PHE D 114 -25.95 -16.66 -30.02
C PHE D 114 -25.50 -16.29 -31.44
N SER D 115 -24.45 -17.02 -31.92
CA SER D 115 -23.80 -16.94 -33.22
C SER D 115 -23.41 -15.54 -33.63
N CYS D 122 -20.79 -19.27 -31.46
CA CYS D 122 -20.59 -18.28 -30.38
C CYS D 122 -21.79 -18.15 -29.46
N LEU D 123 -21.52 -17.96 -28.16
CA LEU D 123 -22.54 -17.72 -27.14
C LEU D 123 -22.19 -16.41 -26.41
N VAL D 124 -23.18 -15.50 -26.35
CA VAL D 124 -23.06 -14.14 -25.77
C VAL D 124 -23.76 -14.07 -24.43
N TYR D 125 -23.05 -13.60 -23.40
CA TYR D 125 -23.55 -13.51 -22.03
C TYR D 125 -23.37 -12.13 -21.42
N VAL D 126 -24.10 -11.88 -20.31
CA VAL D 126 -23.97 -10.68 -19.50
C VAL D 126 -22.56 -10.77 -18.89
N TYR D 127 -21.79 -9.67 -18.96
CA TYR D 127 -20.42 -9.61 -18.47
C TYR D 127 -20.31 -9.79 -16.94
N MET D 128 -19.40 -10.68 -16.50
CA MET D 128 -19.08 -11.01 -15.11
C MET D 128 -17.70 -10.39 -14.83
N PRO D 129 -17.68 -9.17 -14.27
CA PRO D 129 -16.39 -8.47 -14.04
C PRO D 129 -15.41 -9.18 -13.13
N ASN D 130 -15.90 -9.99 -12.17
CA ASN D 130 -15.05 -10.62 -11.18
C ASN D 130 -14.70 -12.07 -11.49
N GLY D 131 -14.95 -12.49 -12.73
CA GLY D 131 -14.61 -13.80 -13.26
C GLY D 131 -15.15 -14.97 -12.47
N SER D 132 -14.35 -16.03 -12.32
CA SER D 132 -14.78 -17.23 -11.61
C SER D 132 -14.34 -17.27 -10.16
N LEU D 133 -15.07 -18.04 -9.34
CA LEU D 133 -14.77 -18.27 -7.92
C LEU D 133 -13.41 -18.93 -7.75
N LEU D 134 -13.03 -19.82 -8.69
CA LEU D 134 -11.73 -20.51 -8.68
C LEU D 134 -10.59 -19.48 -8.71
N ASP D 135 -10.68 -18.52 -9.65
CA ASP D 135 -9.66 -17.50 -9.84
C ASP D 135 -9.60 -16.53 -8.68
N ARG D 136 -10.75 -16.26 -8.04
CA ARG D 136 -10.80 -15.34 -6.91
C ARG D 136 -10.27 -15.99 -5.66
N LEU D 137 -10.44 -17.32 -5.54
CA LEU D 137 -9.90 -18.10 -4.42
C LEU D 137 -8.39 -18.23 -4.53
N SER D 138 -7.86 -18.29 -5.76
CA SER D 138 -6.41 -18.38 -5.98
C SER D 138 -5.76 -17.02 -6.08
N CYS D 139 -6.58 -15.93 -6.09
CA CYS D 139 -6.18 -14.51 -6.22
C CYS D 139 -5.39 -14.31 -7.51
N LEU D 140 -5.87 -14.94 -8.60
CA LEU D 140 -5.28 -14.87 -9.93
C LEU D 140 -5.24 -13.44 -10.42
N ASP D 141 -4.06 -13.03 -10.93
CA ASP D 141 -3.73 -11.69 -11.45
C ASP D 141 -3.61 -10.64 -10.34
N GLY D 142 -3.47 -11.10 -9.10
CA GLY D 142 -3.27 -10.24 -7.93
C GLY D 142 -4.51 -9.59 -7.35
N THR D 143 -5.68 -10.21 -7.55
CA THR D 143 -6.95 -9.71 -7.02
C THR D 143 -6.93 -9.92 -5.49
N PRO D 144 -7.54 -9.04 -4.66
CA PRO D 144 -7.45 -9.24 -3.21
C PRO D 144 -8.20 -10.49 -2.73
N PRO D 145 -7.74 -11.13 -1.63
CA PRO D 145 -8.48 -12.31 -1.14
C PRO D 145 -9.90 -11.98 -0.76
N LEU D 146 -10.85 -12.90 -1.00
CA LEU D 146 -12.26 -12.71 -0.67
C LEU D 146 -12.43 -12.84 0.86
N SER D 147 -13.22 -11.96 1.45
CA SER D 147 -13.47 -12.01 2.88
C SER D 147 -14.48 -13.12 3.17
N TRP D 148 -14.50 -13.63 4.42
CA TRP D 148 -15.43 -14.68 4.85
C TRP D 148 -16.89 -14.26 4.63
N HIS D 149 -17.20 -12.98 4.89
CA HIS D 149 -18.49 -12.35 4.69
C HIS D 149 -18.95 -12.51 3.23
N MET D 150 -18.07 -12.17 2.27
CA MET D 150 -18.29 -12.30 0.83
C MET D 150 -18.48 -13.79 0.47
N ARG D 151 -17.63 -14.67 1.02
CA ARG D 151 -17.64 -16.12 0.79
C ARG D 151 -18.95 -16.78 1.20
N CYS D 152 -19.57 -16.29 2.30
CA CYS D 152 -20.85 -16.78 2.82
C CYS D 152 -21.97 -16.47 1.87
N LYS D 153 -21.96 -15.24 1.31
CA LYS D 153 -22.93 -14.74 0.30
C LYS D 153 -22.80 -15.55 -1.00
N ILE D 154 -21.55 -15.84 -1.43
CA ILE D 154 -21.24 -16.64 -2.62
C ILE D 154 -21.80 -18.06 -2.48
N ALA D 155 -21.53 -18.72 -1.34
CA ALA D 155 -22.01 -20.08 -1.04
C ALA D 155 -23.54 -20.15 -1.05
N GLN D 156 -24.21 -19.16 -0.40
CA GLN D 156 -25.67 -19.06 -0.34
C GLN D 156 -26.25 -18.84 -1.74
N GLY D 157 -25.66 -17.91 -2.49
CA GLY D 157 -26.04 -17.61 -3.86
C GLY D 157 -25.92 -18.81 -4.75
N ALA D 158 -24.77 -19.53 -4.71
CA ALA D 158 -24.55 -20.75 -5.50
C ALA D 158 -25.58 -21.84 -5.15
N ALA D 159 -25.92 -22.00 -3.84
CA ALA D 159 -26.93 -22.96 -3.39
C ALA D 159 -28.32 -22.63 -3.95
N ASN D 160 -28.68 -21.30 -4.01
CA ASN D 160 -29.94 -20.82 -4.57
C ASN D 160 -30.04 -21.11 -6.08
N GLY D 161 -28.91 -20.99 -6.78
CA GLY D 161 -28.79 -21.29 -8.20
C GLY D 161 -29.03 -22.76 -8.50
N ILE D 162 -28.39 -23.67 -7.71
CA ILE D 162 -28.55 -25.12 -7.84
C ILE D 162 -30.00 -25.52 -7.49
N ASN D 163 -30.58 -24.88 -6.46
CA ASN D 163 -31.97 -25.13 -6.07
C ASN D 163 -32.93 -24.81 -7.21
N PHE D 164 -32.72 -23.67 -7.90
CA PHE D 164 -33.55 -23.33 -9.05
C PHE D 164 -33.44 -24.42 -10.12
N LEU D 165 -32.21 -24.86 -10.43
CA LEU D 165 -31.96 -25.91 -11.42
C LEU D 165 -32.65 -27.24 -11.08
N HIS D 166 -32.53 -27.69 -9.82
CA HIS D 166 -33.14 -28.92 -9.32
C HIS D 166 -34.68 -28.84 -9.26
N GLU D 167 -35.23 -27.66 -8.85
CA GLU D 167 -36.69 -27.40 -8.82
C GLU D 167 -37.26 -27.47 -10.23
N ASN D 168 -36.44 -27.10 -11.22
CA ASN D 168 -36.79 -27.10 -12.63
C ASN D 168 -36.35 -28.38 -13.34
N HIS D 169 -36.02 -29.42 -12.55
CA HIS D 169 -35.64 -30.78 -12.97
C HIS D 169 -34.45 -30.82 -13.92
N HIS D 170 -33.36 -30.12 -13.53
CA HIS D 170 -32.11 -30.08 -14.26
C HIS D 170 -30.96 -30.50 -13.38
N ILE D 171 -30.12 -31.39 -13.90
CA ILE D 171 -28.90 -31.85 -13.26
C ILE D 171 -27.80 -31.13 -14.03
N HIS D 172 -27.00 -30.31 -13.33
CA HIS D 172 -25.92 -29.52 -13.94
C HIS D 172 -24.82 -30.42 -14.55
N ARG D 173 -24.31 -31.40 -13.74
CA ARG D 173 -23.29 -32.42 -14.05
C ARG D 173 -21.84 -31.90 -14.07
N ASP D 174 -21.64 -30.59 -13.80
CA ASP D 174 -20.28 -30.02 -13.75
C ASP D 174 -20.19 -28.85 -12.74
N ILE D 175 -20.72 -29.05 -11.53
CA ILE D 175 -20.64 -28.06 -10.45
C ILE D 175 -19.20 -28.03 -9.97
N LYS D 176 -18.56 -26.87 -10.13
CA LYS D 176 -17.18 -26.59 -9.73
C LYS D 176 -17.00 -25.08 -9.61
N SER D 177 -15.97 -24.64 -8.88
CA SER D 177 -15.69 -23.22 -8.64
C SER D 177 -15.31 -22.44 -9.94
N ALA D 178 -14.86 -23.12 -11.01
CA ALA D 178 -14.56 -22.50 -12.30
C ALA D 178 -15.87 -22.12 -13.03
N ASN D 179 -16.98 -22.84 -12.73
CA ASN D 179 -18.31 -22.62 -13.30
C ASN D 179 -19.21 -21.74 -12.45
N ILE D 180 -18.69 -21.22 -11.34
CA ILE D 180 -19.42 -20.28 -10.49
C ILE D 180 -18.80 -18.92 -10.77
N LEU D 181 -19.52 -18.08 -11.50
CA LEU D 181 -19.03 -16.76 -11.88
C LEU D 181 -19.48 -15.67 -10.90
N LEU D 182 -18.72 -14.56 -10.87
CA LEU D 182 -18.95 -13.46 -9.95
C LEU D 182 -19.17 -12.14 -10.67
N ASP D 183 -20.31 -11.50 -10.43
CA ASP D 183 -20.63 -10.22 -11.04
C ASP D 183 -19.99 -9.04 -10.28
N GLU D 184 -20.36 -7.82 -10.67
CA GLU D 184 -19.97 -6.53 -10.09
C GLU D 184 -20.17 -6.43 -8.57
N ALA D 185 -21.19 -7.12 -8.00
CA ALA D 185 -21.48 -7.12 -6.56
C ALA D 185 -21.00 -8.44 -5.89
N PHE D 186 -20.26 -9.28 -6.64
CA PHE D 186 -19.75 -10.60 -6.22
C PHE D 186 -20.91 -11.57 -5.93
N THR D 187 -22.01 -11.43 -6.71
CA THR D 187 -23.17 -12.30 -6.66
C THR D 187 -22.76 -13.55 -7.45
N ALA D 188 -22.96 -14.73 -6.87
CA ALA D 188 -22.64 -16.03 -7.46
C ALA D 188 -23.62 -16.33 -8.60
N LYS D 189 -23.08 -16.65 -9.80
CA LYS D 189 -23.85 -16.97 -10.99
C LYS D 189 -23.35 -18.29 -11.58
N ILE D 190 -24.17 -19.36 -11.50
CA ILE D 190 -23.82 -20.68 -12.06
C ILE D 190 -23.82 -20.60 -13.59
N SER D 191 -22.80 -21.18 -14.23
CA SER D 191 -22.59 -21.21 -15.67
C SER D 191 -22.30 -22.65 -16.15
N ASP D 192 -22.15 -22.81 -17.49
CA ASP D 192 -21.84 -24.04 -18.22
C ASP D 192 -22.92 -25.12 -18.01
N PHE D 193 -23.94 -25.07 -18.87
CA PHE D 193 -25.09 -25.97 -18.88
C PHE D 193 -25.10 -26.84 -20.13
N GLY D 194 -23.94 -26.90 -20.81
CA GLY D 194 -23.73 -27.67 -22.03
C GLY D 194 -23.91 -29.17 -21.85
N LEU D 195 -23.53 -29.69 -20.67
CA LEU D 195 -23.64 -31.11 -20.32
C LEU D 195 -24.84 -31.37 -19.38
N ALA D 196 -25.71 -30.37 -19.14
CA ALA D 196 -26.86 -30.49 -18.26
C ALA D 196 -27.88 -31.51 -18.73
N ARG D 197 -28.59 -32.16 -17.78
CA ARG D 197 -29.58 -33.20 -18.10
C ARG D 197 -30.94 -32.97 -17.43
N ALA D 198 -32.02 -33.25 -18.17
CA ALA D 198 -33.39 -33.11 -17.67
C ALA D 198 -33.83 -34.38 -16.93
N MET D 207 -28.26 -43.99 -16.07
CA MET D 207 -26.87 -44.31 -16.39
C MET D 207 -26.49 -43.94 -17.84
N TPO D 208 -25.20 -43.54 -18.06
CA TPO D 208 -24.66 -43.13 -19.36
CB TPO D 208 -24.40 -41.58 -19.45
CG2 TPO D 208 -23.42 -40.98 -18.40
OG1 TPO D 208 -23.97 -41.20 -20.79
P TPO D 208 -25.05 -40.82 -21.86
O1P TPO D 208 -24.75 -39.40 -22.29
O2P TPO D 208 -26.53 -40.89 -21.42
O3P TPO D 208 -24.87 -41.75 -23.08
C TPO D 208 -23.38 -43.85 -19.82
O TPO D 208 -22.55 -44.24 -18.99
N SER D 209 -23.22 -43.99 -21.16
CA SER D 209 -22.06 -44.60 -21.83
C SER D 209 -20.88 -43.62 -21.82
N ARG D 210 -21.17 -42.30 -21.94
CA ARG D 210 -20.18 -41.22 -21.96
C ARG D 210 -20.15 -40.49 -20.60
N ILE D 211 -19.16 -40.85 -19.75
CA ILE D 211 -18.96 -40.25 -18.42
C ILE D 211 -18.29 -38.88 -18.59
N VAL D 212 -18.95 -37.81 -18.11
CA VAL D 212 -18.43 -36.42 -18.21
C VAL D 212 -18.45 -35.67 -16.87
N GLY D 213 -17.56 -34.69 -16.75
CA GLY D 213 -17.40 -33.84 -15.58
C GLY D 213 -15.94 -33.65 -15.19
N THR D 214 -15.71 -33.00 -14.03
CA THR D 214 -14.37 -32.74 -13.50
C THR D 214 -14.13 -33.70 -12.34
N THR D 215 -13.24 -34.69 -12.57
CA THR D 215 -12.84 -35.80 -11.69
C THR D 215 -12.74 -35.45 -10.20
N ALA D 216 -12.01 -34.35 -9.88
CA ALA D 216 -11.76 -33.88 -8.52
C ALA D 216 -13.04 -33.45 -7.76
N TYR D 217 -14.12 -33.16 -8.49
CA TYR D 217 -15.40 -32.70 -7.96
C TYR D 217 -16.48 -33.78 -8.00
N MET D 218 -16.32 -34.78 -8.86
CA MET D 218 -17.27 -35.85 -9.10
C MET D 218 -17.50 -36.82 -7.96
N ALA D 219 -18.77 -37.23 -7.80
CA ALA D 219 -19.26 -38.21 -6.84
C ALA D 219 -18.90 -39.61 -7.35
N PRO D 220 -18.71 -40.63 -6.46
CA PRO D 220 -18.36 -41.98 -6.95
C PRO D 220 -19.32 -42.56 -8.00
N GLU D 221 -20.64 -42.35 -7.84
CA GLU D 221 -21.64 -42.86 -8.78
C GLU D 221 -21.59 -42.13 -10.12
N ALA D 222 -21.17 -40.84 -10.12
CA ALA D 222 -21.03 -40.04 -11.33
C ALA D 222 -19.83 -40.56 -12.14
N LEU D 223 -18.75 -40.90 -11.44
CA LEU D 223 -17.53 -41.48 -12.03
C LEU D 223 -17.83 -42.86 -12.64
N ARG D 224 -18.92 -43.49 -12.17
CA ARG D 224 -19.39 -44.81 -12.62
C ARG D 224 -20.45 -44.74 -13.75
N GLY D 225 -20.96 -43.54 -14.03
CA GLY D 225 -21.93 -43.35 -15.10
C GLY D 225 -23.34 -42.97 -14.71
N GLU D 226 -23.64 -42.85 -13.40
CA GLU D 226 -24.99 -42.46 -12.95
C GLU D 226 -25.24 -40.98 -13.12
N ILE D 227 -26.44 -40.64 -13.60
CA ILE D 227 -26.90 -39.26 -13.79
C ILE D 227 -27.98 -39.01 -12.73
N THR D 228 -27.62 -38.26 -11.68
CA THR D 228 -28.50 -37.96 -10.55
C THR D 228 -28.24 -36.56 -9.98
N PRO D 229 -29.29 -35.80 -9.56
CA PRO D 229 -29.03 -34.47 -8.95
C PRO D 229 -28.26 -34.57 -7.64
N LYS D 230 -28.23 -35.79 -7.06
CA LYS D 230 -27.53 -36.14 -5.82
C LYS D 230 -26.04 -35.97 -6.03
N SER D 231 -25.58 -36.10 -7.29
CA SER D 231 -24.19 -35.95 -7.69
C SER D 231 -23.78 -34.49 -7.68
N ASP D 232 -24.74 -33.56 -7.92
CA ASP D 232 -24.52 -32.12 -7.93
C ASP D 232 -24.23 -31.66 -6.51
N ILE D 233 -24.93 -32.26 -5.54
CA ILE D 233 -24.78 -32.00 -4.10
C ILE D 233 -23.34 -32.30 -3.67
N TYR D 234 -22.82 -33.50 -4.05
CA TYR D 234 -21.45 -33.92 -3.74
C TYR D 234 -20.44 -32.87 -4.20
N SER D 235 -20.49 -32.50 -5.50
CA SER D 235 -19.63 -31.51 -6.15
C SER D 235 -19.66 -30.13 -5.47
N PHE D 236 -20.84 -29.72 -4.97
CA PHE D 236 -21.00 -28.47 -4.23
C PHE D 236 -20.28 -28.57 -2.88
N GLY D 237 -20.24 -29.76 -2.28
CA GLY D 237 -19.51 -30.03 -1.04
C GLY D 237 -18.03 -29.76 -1.22
N VAL D 238 -17.48 -30.13 -2.40
CA VAL D 238 -16.08 -29.86 -2.78
C VAL D 238 -15.90 -28.34 -2.92
N VAL D 239 -16.88 -27.66 -3.57
CA VAL D 239 -16.88 -26.20 -3.75
C VAL D 239 -16.82 -25.53 -2.37
N LEU D 240 -17.67 -26.00 -1.42
CA LEU D 240 -17.68 -25.48 -0.05
C LEU D 240 -16.34 -25.66 0.66
N LEU D 241 -15.60 -26.76 0.37
CA LEU D 241 -14.26 -26.99 0.94
C LEU D 241 -13.26 -26.00 0.35
N GLU D 242 -13.42 -25.65 -0.94
CA GLU D 242 -12.57 -24.66 -1.61
C GLU D 242 -12.79 -23.28 -1.02
N ILE D 243 -14.05 -22.94 -0.69
CA ILE D 243 -14.42 -21.65 -0.08
C ILE D 243 -13.79 -21.51 1.33
N ILE D 244 -13.87 -22.59 2.16
CA ILE D 244 -13.30 -22.61 3.51
C ILE D 244 -11.76 -22.50 3.53
N THR D 245 -11.09 -23.32 2.69
CA THR D 245 -9.64 -23.50 2.65
C THR D 245 -8.88 -22.60 1.70
N GLY D 246 -9.52 -22.18 0.61
CA GLY D 246 -8.89 -21.41 -0.44
C GLY D 246 -7.98 -22.29 -1.29
N LEU D 247 -8.09 -23.62 -1.10
CA LEU D 247 -7.28 -24.61 -1.80
C LEU D 247 -7.99 -25.14 -3.06
N PRO D 248 -7.25 -25.41 -4.18
CA PRO D 248 -7.92 -25.99 -5.37
C PRO D 248 -8.31 -27.45 -5.12
N ALA D 249 -9.40 -27.94 -5.75
CA ALA D 249 -9.90 -29.33 -5.59
C ALA D 249 -8.81 -30.39 -5.86
N VAL D 250 -7.91 -30.09 -6.81
CA VAL D 250 -6.79 -30.97 -7.14
C VAL D 250 -5.48 -30.15 -7.24
N ASP D 251 -4.42 -30.69 -6.63
CA ASP D 251 -3.08 -30.13 -6.63
C ASP D 251 -2.10 -31.32 -6.66
N GLU D 252 -1.43 -31.51 -7.82
CA GLU D 252 -0.47 -32.60 -8.04
C GLU D 252 0.73 -32.62 -7.08
N HIS D 253 1.16 -31.42 -6.64
CA HIS D 253 2.31 -31.25 -5.72
C HIS D 253 1.86 -31.10 -4.25
N ARG D 254 0.63 -31.55 -3.93
CA ARG D 254 0.04 -31.49 -2.59
C ARG D 254 -0.29 -32.87 -2.02
N GLU D 255 -0.16 -33.04 -0.70
CA GLU D 255 -0.52 -34.24 0.04
C GLU D 255 -1.60 -33.82 1.08
N PRO D 256 -2.91 -34.16 0.90
CA PRO D 256 -3.49 -34.99 -0.17
C PRO D 256 -3.68 -34.24 -1.50
N GLN D 257 -3.54 -34.98 -2.62
CA GLN D 257 -3.67 -34.47 -3.99
C GLN D 257 -5.08 -33.88 -4.21
N LEU D 258 -6.10 -34.58 -3.68
CA LEU D 258 -7.50 -34.25 -3.76
C LEU D 258 -8.00 -33.64 -2.47
N LEU D 259 -8.67 -32.48 -2.57
CA LEU D 259 -9.23 -31.72 -1.46
C LEU D 259 -10.27 -32.51 -0.66
N LEU D 260 -11.14 -33.29 -1.33
CA LEU D 260 -12.17 -34.11 -0.68
C LEU D 260 -11.60 -35.10 0.36
N ASP D 261 -10.29 -35.44 0.24
CA ASP D 261 -9.58 -36.33 1.17
C ASP D 261 -9.30 -35.68 2.55
N ILE D 262 -9.45 -34.35 2.68
CA ILE D 262 -9.23 -33.64 3.95
C ILE D 262 -10.36 -33.95 4.95
N LYS D 263 -11.57 -34.30 4.43
CA LYS D 263 -12.75 -34.71 5.22
C LYS D 263 -12.43 -35.94 6.09
N GLU D 264 -11.72 -36.93 5.52
CA GLU D 264 -11.33 -38.16 6.21
C GLU D 264 -10.21 -37.88 7.23
N GLU D 265 -9.36 -36.87 6.94
CA GLU D 265 -8.30 -36.45 7.88
C GLU D 265 -8.92 -35.80 9.10
N ILE D 266 -9.92 -34.88 8.90
CA ILE D 266 -10.65 -34.19 9.97
C ILE D 266 -11.35 -35.24 10.86
N GLU D 267 -11.97 -36.26 10.23
CA GLU D 267 -12.68 -37.34 10.92
C GLU D 267 -11.75 -38.28 11.72
N ASP D 268 -10.42 -38.21 11.47
CA ASP D 268 -9.38 -39.01 12.14
C ASP D 268 -8.27 -38.13 12.74
N LYS D 271 -6.09 -33.78 12.62
CA LYS D 271 -6.52 -32.61 11.84
C LYS D 271 -7.91 -32.10 12.22
N THR D 272 -8.09 -30.78 12.19
CA THR D 272 -9.34 -30.05 12.46
C THR D 272 -9.58 -29.16 11.23
N ILE D 273 -10.82 -28.67 11.04
CA ILE D 273 -11.10 -27.75 9.93
C ILE D 273 -10.33 -26.42 10.14
N GLU D 274 -10.08 -26.02 11.44
CA GLU D 274 -9.32 -24.84 11.86
C GLU D 274 -7.92 -24.80 11.21
N ASP D 275 -7.27 -25.98 11.11
CA ASP D 275 -5.95 -26.15 10.50
C ASP D 275 -6.00 -25.88 9.00
N TYR D 276 -7.19 -26.05 8.39
CA TYR D 276 -7.37 -25.91 6.95
C TYR D 276 -8.00 -24.59 6.51
N ILE D 277 -8.59 -23.80 7.45
CA ILE D 277 -9.20 -22.49 7.12
C ILE D 277 -8.21 -21.63 6.36
N ASP D 278 -8.69 -20.96 5.28
CA ASP D 278 -7.90 -20.06 4.48
C ASP D 278 -7.35 -18.95 5.39
N LYS D 279 -6.02 -18.84 5.44
CA LYS D 279 -5.30 -17.86 6.27
C LYS D 279 -5.36 -16.45 5.65
N LYS D 280 -5.81 -16.36 4.39
CA LYS D 280 -5.97 -15.08 3.68
C LYS D 280 -7.31 -14.40 4.02
N MET D 281 -7.78 -14.55 5.25
CA MET D 281 -9.02 -13.93 5.74
C MET D 281 -8.77 -13.43 7.14
N ASN D 282 -9.43 -12.33 7.55
CA ASN D 282 -9.32 -11.84 8.92
C ASN D 282 -10.71 -11.65 9.59
N ASP D 283 -11.78 -12.06 8.91
CA ASP D 283 -13.17 -11.92 9.39
C ASP D 283 -13.90 -13.25 9.58
N ALA D 284 -13.18 -14.38 9.47
CA ALA D 284 -13.77 -15.70 9.64
C ALA D 284 -13.88 -16.09 11.10
N ASP D 285 -15.07 -16.48 11.53
CA ASP D 285 -15.29 -16.94 12.90
C ASP D 285 -15.50 -18.44 12.84
N SER D 286 -14.92 -19.15 13.81
CA SER D 286 -14.98 -20.61 13.94
C SER D 286 -16.40 -21.18 13.86
N THR D 287 -17.38 -20.52 14.50
CA THR D 287 -18.78 -20.95 14.52
C THR D 287 -19.35 -21.09 13.09
N SER D 288 -19.31 -20.01 12.27
CA SER D 288 -19.82 -20.08 10.90
C SER D 288 -18.96 -20.97 9.99
N VAL D 289 -17.62 -20.97 10.15
CA VAL D 289 -16.72 -21.85 9.38
C VAL D 289 -17.08 -23.34 9.63
N GLU D 290 -17.20 -23.75 10.92
CA GLU D 290 -17.59 -25.11 11.31
C GLU D 290 -18.98 -25.47 10.77
N ALA D 291 -19.92 -24.51 10.78
CA ALA D 291 -21.28 -24.67 10.26
C ALA D 291 -21.26 -24.94 8.75
N MET D 292 -20.41 -24.21 7.97
CA MET D 292 -20.28 -24.42 6.52
C MET D 292 -19.61 -25.76 6.25
N TYR D 293 -18.64 -26.13 7.10
CA TYR D 293 -17.93 -27.41 7.01
C TYR D 293 -18.90 -28.56 7.24
N SER D 294 -19.87 -28.39 8.17
CA SER D 294 -20.90 -29.38 8.49
C SER D 294 -21.77 -29.65 7.26
N VAL D 295 -22.12 -28.58 6.52
CA VAL D 295 -22.91 -28.63 5.28
C VAL D 295 -22.11 -29.39 4.21
N ALA D 296 -20.82 -29.02 4.01
CA ALA D 296 -19.91 -29.65 3.05
C ALA D 296 -19.71 -31.14 3.36
N SER D 297 -19.52 -31.49 4.66
CA SER D 297 -19.36 -32.85 5.16
C SER D 297 -20.57 -33.70 4.79
N GLN D 298 -21.79 -33.17 5.00
CA GLN D 298 -23.06 -33.83 4.67
C GLN D 298 -23.19 -34.02 3.15
N CYS D 299 -22.78 -32.99 2.36
CA CYS D 299 -22.78 -33.02 0.89
C CYS D 299 -21.87 -34.14 0.37
N LEU D 300 -20.72 -34.33 1.02
CA LEU D 300 -19.68 -35.26 0.64
C LEU D 300 -19.85 -36.69 1.18
N HIS D 301 -21.07 -37.04 1.63
CA HIS D 301 -21.37 -38.39 2.07
C HIS D 301 -21.24 -39.27 0.82
N GLU D 302 -20.40 -40.31 0.89
CA GLU D 302 -20.09 -41.23 -0.20
C GLU D 302 -21.33 -41.97 -0.75
N LYS D 303 -22.39 -42.09 0.09
CA LYS D 303 -23.68 -42.70 -0.24
C LYS D 303 -24.64 -41.59 -0.70
N LYS D 304 -25.05 -41.62 -1.98
CA LYS D 304 -25.92 -40.64 -2.64
C LYS D 304 -27.24 -40.33 -1.90
N ASN D 305 -27.88 -41.36 -1.30
CA ASN D 305 -29.16 -41.25 -0.59
C ASN D 305 -29.03 -40.69 0.84
N LYS D 306 -27.79 -40.66 1.37
CA LYS D 306 -27.49 -40.14 2.71
C LYS D 306 -27.17 -38.64 2.67
N ARG D 307 -26.85 -38.10 1.48
CA ARG D 307 -26.56 -36.68 1.25
C ARG D 307 -27.86 -35.88 1.41
N PRO D 308 -27.82 -34.60 1.85
CA PRO D 308 -29.08 -33.82 1.91
C PRO D 308 -29.46 -33.30 0.52
N ASP D 309 -30.75 -32.98 0.29
CA ASP D 309 -31.17 -32.37 -0.98
C ASP D 309 -30.75 -30.88 -0.97
N ILE D 310 -30.77 -30.20 -2.14
CA ILE D 310 -30.37 -28.79 -2.24
C ILE D 310 -31.19 -27.85 -1.32
N LYS D 311 -32.48 -28.16 -1.09
CA LYS D 311 -33.37 -27.38 -0.22
C LYS D 311 -32.83 -27.36 1.23
N LYS D 312 -32.35 -28.52 1.72
CA LYS D 312 -31.75 -28.65 3.06
C LYS D 312 -30.43 -27.86 3.10
N VAL D 313 -29.61 -27.97 2.02
CA VAL D 313 -28.33 -27.27 1.85
C VAL D 313 -28.57 -25.74 1.94
N GLN D 314 -29.56 -25.22 1.20
CA GLN D 314 -29.94 -23.81 1.21
C GLN D 314 -30.28 -23.37 2.62
N GLN D 315 -31.22 -24.08 3.27
CA GLN D 315 -31.69 -23.80 4.62
C GLN D 315 -30.54 -23.79 5.65
N LEU D 316 -29.62 -24.78 5.57
CA LEU D 316 -28.46 -24.87 6.46
C LEU D 316 -27.49 -23.70 6.26
N LEU D 317 -27.31 -23.23 5.00
CA LEU D 317 -26.43 -22.09 4.68
C LEU D 317 -27.07 -20.75 5.07
N GLN D 318 -28.41 -20.64 4.95
CA GLN D 318 -29.13 -19.42 5.31
C GLN D 318 -29.10 -19.23 6.83
N GLU D 319 -29.02 -20.35 7.58
CA GLU D 319 -28.97 -20.42 9.03
C GLU D 319 -27.65 -19.91 9.65
N MET D 320 -26.52 -20.08 8.93
CA MET D 320 -25.22 -19.61 9.45
C MET D 320 -25.11 -18.07 9.42
N THR D 321 -25.80 -17.42 8.46
CA THR D 321 -25.82 -15.96 8.29
C THR D 321 -27.26 -15.47 8.32
C7 8C1 E . 7.61 -8.85 13.46
C6 8C1 E . 8.69 -8.32 14.22
C9 8C1 E . 6.34 -10.67 12.48
C13 8C1 E . 6.83 -6.58 13.06
C20 8C1 E . 9.11 -12.99 14.97
C21 8C1 E . 10.56 -12.54 15.00
C8 8C1 E . 7.41 -10.25 13.24
C19 8C1 E . 8.37 -12.49 13.76
C1 8C1 E . 12.27 -6.20 15.03
C2 8C1 E . 11.12 -7.12 15.30
C3 8C1 E . 10.85 -7.32 16.75
O4 8C1 E . 9.97 -6.36 14.82
C5 8C1 E . 8.84 -6.96 14.32
C10 8C1 E . 5.49 -9.72 11.95
N11 8C1 E . 5.63 -8.41 12.10
C12 8C1 E . 6.68 -7.97 12.86
C14 8C1 E . 7.88 -6.08 13.79
C15 8C1 E . 7.92 -4.58 13.90
O16 8C1 E . 6.90 -3.93 13.66
N17 8C1 E . 9.03 -4.01 14.37
O18 8C1 E . 8.35 -11.04 13.86
C22 8C1 E . 11.22 -12.94 13.72
N23 8C1 E . 10.50 -12.33 12.59
C24 8C1 E . 9.12 -12.83 12.49
HC6 8C1 E . 9.32 -9.00 14.77
HC9 8C1 E . 6.08 -11.72 12.33
HC13 8C1 E . 6.06 -5.98 12.59
H20B 8C1 E . 9.08 -14.08 14.96
H20A 8C1 E . 8.60 -12.72 15.90
H21B 8C1 E . 11.08 -12.95 15.85
H21A 8C1 E . 10.63 -11.45 15.14
HC19 8C1 E . 7.36 -12.91 13.75
HC1B 8C1 E . 12.55 -6.21 13.98
HC1A 8C1 E . 13.16 -6.49 15.58
HC1C 8C1 E . 12.05 -5.17 15.28
HC2 8C1 E . 11.28 -8.06 14.80
HC3A 8C1 E . 10.18 -6.58 17.18
HC3C 8C1 E . 11.77 -7.29 17.34
HC3B 8C1 E . 10.40 -8.29 16.94
HC10 8C1 E . 4.63 -10.02 11.34
H17B 8C1 E . 9.08 -2.99 14.43
H17A 8C1 E . 9.87 -4.49 14.67
H22B 8C1 E . 11.19 -14.03 13.59
H22A 8C1 E . 12.28 -12.70 13.76
HN23 8C1 E . 10.50 -11.32 12.67
H24B 8C1 E . 8.58 -12.47 11.62
H24A 8C1 E . 9.17 -13.92 12.34
C7 8C1 F . -14.83 7.10 6.68
C6 8C1 F . -16.18 6.64 6.50
C9 8C1 F . -13.12 8.81 6.80
C13 8C1 F . -14.13 4.77 6.86
C20 8C1 F . -16.52 11.34 7.42
C21 8C1 F . -17.85 11.06 6.72
C8 8C1 F . -14.45 8.48 6.68
C19 8C1 F . -15.34 10.80 6.64
C1 8C1 F . -19.63 4.78 4.82
C2 8C1 F . -18.83 5.59 5.78
C3 8C1 F . -19.63 5.95 7.01
O4 8C1 F . -17.69 4.77 6.16
C5 8C1 F . -16.45 5.30 6.46
C10 8C1 F . -12.20 7.80 6.97
N11 8C1 F . -12.49 6.51 7.01
C12 8C1 F . -13.80 6.15 6.85
C14 8C1 F . -15.42 4.35 6.67
C15 8C1 F . -15.59 2.86 6.65
O16 8C1 F . -14.72 2.14 7.15
N17 8C1 F . -16.74 2.35 6.19
O18 8C1 F . -15.51 9.35 6.65
C22 8C1 F . -17.79 11.54 5.28
N23 8C1 F . -16.66 10.92 4.59
C24 8C1 F . -15.38 11.27 5.20
HC6 8C1 F . -16.97 7.39 6.42
HC9 8C1 F . -12.72 9.83 6.76
HC13 8C1 F . -13.28 4.12 7.01
H20B 8C1 F . -16.39 12.41 7.55
H20A 8C1 F . -16.54 10.94 8.44
H21B 8C1 F . -18.67 11.55 7.25
H21A 8C1 F . -18.09 10.00 6.76
HC19 8C1 F . -14.44 11.13 7.15
HC1B 8C1 F . -19.01 4.20 4.15
HC1A 8C1 F . -20.26 5.40 4.18
HC1C 8C1 F . -20.30 4.09 5.33
HC2 8C1 F . -18.55 6.51 5.27
HC3A 8C1 F . -19.86 5.09 7.62
HC3C 8C1 F . -20.57 6.43 6.75
HC3B 8C1 F . -19.08 6.64 7.65
HC10 8C1 F . -11.14 8.02 7.10
H17B 8C1 F . -16.87 1.33 6.18
H17A 8C1 F . -17.53 2.88 5.84
H22B 8C1 F . -17.65 12.62 5.25
H22A 8C1 F . -18.75 11.36 4.80
HN23 8C1 F . -16.77 9.91 4.54
H24B 8C1 F . -14.51 10.88 4.68
H24A 8C1 F . -15.26 12.35 5.14
C7 8C1 G . 21.51 17.00 -3.85
C6 8C1 G . 22.86 17.44 -3.69
C9 8C1 G . 19.13 17.35 -4.14
C13 8C1 G . 22.29 14.70 -3.56
C20 8C1 G . 20.62 21.16 -5.61
C21 8C1 G . 21.87 21.78 -4.98
C8 8C1 G . 20.41 17.87 -4.08
C19 8C1 G . 19.89 20.27 -4.62
C1 8C1 G . 26.84 18.41 -2.41
C2 8C1 G . 25.64 18.29 -3.27
C3 8C1 G . 25.91 18.55 -4.70
O4 8C1 G . 25.16 16.89 -3.20
C5 8C1 G . 23.85 16.53 -3.43
C10 8C1 G . 18.98 15.98 -4.04
N11 8C1 G . 19.96 15.11 -3.86
C12 8C1 G . 21.23 15.61 -3.77
C14 8C1 G . 23.59 15.15 -3.38
C15 8C1 G . 24.56 14.08 -2.98
O16 8C1 G . 24.29 12.89 -3.19
N17 8C1 G . 25.72 14.45 -2.45
O18 8C1 G . 20.79 19.17 -4.33
C22 8C1 G . 21.49 22.53 -3.73
N23 8C1 G . 20.82 21.61 -2.79
C24 8C1 G . 19.59 21.05 -3.35
HC6 8C1 G . 23.07 18.50 -3.79
HC9 8C1 G . 18.25 17.96 -4.25
HC13 8C1 G . 22.00 13.66 -3.56
H20B 8C1 G . 19.95 21.95 -5.92
H20A 8C1 G . 20.86 20.63 -6.53
H21B 8C1 G . 22.35 22.44 -5.70
H21A 8C1 G . 22.62 21.01 -4.77
HC19 8C1 G . 18.97 19.93 -5.10
HC1B 8C1 G . 26.58 18.68 -1.38
HC1A 8C1 G . 27.51 19.20 -2.74
HC1C 8C1 G . 27.40 17.48 -2.36
HC2 8C1 G . 24.90 19.01 -2.91
HC3A 8C1 G . 26.62 17.84 -5.12
HC3C 8C1 G . 26.33 19.54 -4.85
HC3B 8C1 G . 25.01 18.48 -5.31
HC10 8C1 G . 17.99 15.53 -4.12
H17B 8C1 G . 26.39 13.74 -2.17
H17A 8C1 G . 26.02 15.41 -2.28
H22B 8C1 G . 20.79 23.33 -3.96
H22A 8C1 G . 22.36 23.03 -3.31
HN23 8C1 G . 21.45 20.87 -2.49
H24B 8C1 G . 19.04 20.40 -2.67
H24A 8C1 G . 18.91 21.87 -3.56
C7 8C1 H . -15.48 -16.59 -17.48
C6 8C1 H . -16.70 -17.00 -18.09
C9 8C1 H . -13.31 -17.00 -16.49
C13 8C1 H . -16.31 -14.30 -17.49
C20 8C1 H . -13.56 -20.59 -18.75
C21 8C1 H . -14.88 -21.33 -18.99
C8 8C1 H . -14.42 -17.48 -17.14
C19 8C1 H . -13.59 -19.82 -17.44
C1 8C1 H . -20.73 -17.91 -19.14
C2 8C1 H . -19.26 -17.78 -19.26
C3 8C1 H . -18.74 -18.10 -20.62
O4 8C1 H . -18.89 -16.40 -18.94
C5 8C1 H . -17.68 -16.08 -18.37
C10 8C1 H . -13.23 -15.63 -16.24
N11 8C1 H . -14.16 -14.75 -16.56
C12 8C1 H . -15.30 -15.22 -17.17
C14 8C1 H . -17.49 -14.71 -18.08
C15 8C1 H . -18.51 -13.62 -18.24
O16 8C1 H . -18.15 -12.43 -18.16
N17 8C1 H . -19.76 -13.95 -18.55
O18 8C1 H . -14.58 -18.76 -17.64
C22 8C1 H . -15.19 -22.21 -17.81
N23 8C1 H . -15.30 -21.35 -16.63
C24 8C1 H . -14.02 -20.72 -16.30
HC6 8C1 H . -16.81 -18.05 -18.35
HC9 8C1 H . -12.49 -17.62 -16.12
HC13 8C1 H . -16.09 -13.27 -17.22
H20B 8C1 H . -12.74 -21.29 -18.72
H20A 8C1 H . -13.34 -19.92 -19.58
H21B 8C1 H . -14.81 -21.91 -19.91
H21A 8C1 H . -15.69 -20.63 -19.18
HC19 8C1 H . -12.59 -19.43 -17.28
HC1B 8C1 H . -21.19 -17.13 -18.53
HC1A 8C1 H . -21.04 -18.85 -18.70
HC1C 8C1 H . -21.22 -17.87 -20.11
HC2 8C1 H . -18.84 -18.51 -18.55
HC3A 8C1 H . -19.15 -17.44 -21.38
HC3C 8C1 H . -18.98 -19.11 -20.91
HC3B 8C1 H . -17.66 -18.00 -20.67
HC10 8C1 H . -12.36 -15.21 -15.74
H17B 8C1 H . -20.46 -13.22 -18.66
H17A 8C1 H . -20.10 -14.90 -18.69
H22B 8C1 H . -14.40 -22.94 -17.66
H22A 8C1 H . -16.08 -22.80 -18.02
HN23 8C1 H . -16.01 -20.65 -16.76
H24B 8C1 H . -14.01 -20.17 -15.37
H24A 8C1 H . -13.29 -21.52 -16.14
#